data_3SIR
#
_entry.id   3SIR
#
_cell.length_a   56.025
_cell.length_b   56.025
_cell.length_c   287.441
_cell.angle_alpha   90.00
_cell.angle_beta   90.00
_cell.angle_gamma   120.00
#
_symmetry.space_group_name_H-M   'P 31'
#
loop_
_entity.id
_entity.type
_entity.pdbx_description
1 polymer Caspase
2 water water
#
_entity_poly.entity_id   1
_entity_poly.type   'polypeptide(L)'
_entity_poly.pdbx_seq_one_letter_code
;ALGSVTDRHAAEYNMRHKNRGMALIFNHEHFEVPTLKSRAGTNVDCENLTRVLKQLDFEVTVYKDCRYKDILRTIEYSAS
QNHSDSDCILVAILSHGEMGYIYAKDTQYKLDNIWSFFTANHCPSLAGKPKLFFIQACQGDRLDGGVTMQRSQTETDGDS
SMSYKIPVHADFLIAYSTVPGFYSWRNTTRGSWFMQSLCAELAANGKRLDILTLLTFVCQRVAVDFESCTPDTPEMHQQK
QIPCITTMLTRILRFSDKQ
;
_entity_poly.pdbx_strand_id   A,B,C,D
#
# COMPACT_ATOMS: atom_id res chain seq x y z
N ALA A 1 -10.13 -30.93 -30.16
CA ALA A 1 -9.65 -29.54 -30.39
C ALA A 1 -10.76 -28.53 -30.20
N LEU A 2 -11.70 -28.86 -29.32
CA LEU A 2 -12.62 -27.87 -28.75
C LEU A 2 -13.69 -27.42 -29.73
N GLY A 3 -13.40 -27.50 -31.02
CA GLY A 3 -14.42 -27.92 -31.96
C GLY A 3 -15.30 -28.94 -31.25
N SER A 4 -14.65 -29.93 -30.65
CA SER A 4 -15.32 -31.18 -30.28
C SER A 4 -15.14 -31.64 -28.84
N VAL A 5 -14.40 -30.89 -28.02
CA VAL A 5 -14.65 -30.97 -26.59
C VAL A 5 -15.92 -30.20 -26.26
N THR A 6 -16.80 -30.83 -25.50
CA THR A 6 -17.81 -30.09 -24.77
C THR A 6 -17.61 -30.36 -23.28
N ASP A 7 -18.73 -30.49 -22.59
CA ASP A 7 -18.73 -31.07 -21.27
C ASP A 7 -20.18 -30.94 -20.82
N ARG A 8 -20.60 -31.81 -19.92
CA ARG A 8 -22.02 -32.13 -19.87
C ARG A 8 -22.81 -30.83 -19.92
N HIS A 9 -22.39 -29.94 -20.82
CA HIS A 9 -23.13 -28.71 -21.14
C HIS A 9 -22.68 -28.08 -22.46
N ALA A 10 -21.49 -27.49 -22.45
CA ALA A 10 -21.06 -26.60 -23.52
C ALA A 10 -19.67 -26.05 -23.25
N ALA A 11 -18.98 -25.64 -24.32
CA ALA A 11 -17.55 -25.35 -24.25
C ALA A 11 -17.25 -23.89 -23.90
N GLU A 12 -17.95 -22.97 -24.56
CA GLU A 12 -17.57 -21.56 -24.53
C GLU A 12 -18.65 -20.73 -23.84
N TYR A 13 -18.22 -19.84 -22.94
CA TYR A 13 -19.15 -18.96 -22.25
C TYR A 13 -19.98 -18.22 -23.28
N ASN A 14 -21.28 -18.12 -23.04
CA ASN A 14 -22.13 -17.28 -23.87
C ASN A 14 -21.82 -15.79 -23.70
N MET A 15 -21.03 -15.24 -24.63
CA MET A 15 -20.55 -13.86 -24.52
C MET A 15 -21.18 -12.97 -25.59
N ARG A 16 -22.42 -13.24 -25.95
CA ARG A 16 -23.09 -12.47 -27.00
C ARG A 16 -24.40 -11.85 -26.50
N HIS A 17 -24.55 -11.78 -25.18
CA HIS A 17 -25.72 -11.15 -24.56
C HIS A 17 -25.95 -9.74 -25.09
N LYS A 18 -26.95 -9.07 -24.52
CA LYS A 18 -27.22 -7.67 -24.82
C LYS A 18 -26.04 -6.80 -24.44
N ASN A 19 -25.65 -6.85 -23.16
CA ASN A 19 -24.49 -6.09 -22.66
C ASN A 19 -23.37 -7.02 -22.21
N ARG A 20 -22.13 -6.53 -22.36
CA ARG A 20 -20.97 -7.24 -21.83
C ARG A 20 -21.02 -7.37 -20.32
N GLY A 21 -21.15 -6.23 -19.64
CA GLY A 21 -21.34 -6.21 -18.19
C GLY A 21 -20.67 -5.01 -17.57
N MET A 22 -20.73 -4.91 -16.25
CA MET A 22 -20.09 -3.81 -15.54
C MET A 22 -18.58 -4.03 -15.41
N ALA A 23 -17.83 -2.94 -15.52
CA ALA A 23 -16.53 -2.84 -14.86
C ALA A 23 -16.60 -1.88 -13.66
N LEU A 24 -16.24 -2.39 -12.49
CA LEU A 24 -16.08 -1.55 -11.31
C LEU A 24 -14.62 -1.45 -10.90
N ILE A 25 -13.98 -0.33 -11.26
CA ILE A 25 -12.60 -0.07 -10.86
C ILE A 25 -12.50 0.78 -9.59
N PHE A 26 -12.05 0.16 -8.51
CA PHE A 26 -11.85 0.89 -7.25
C PHE A 26 -10.37 1.22 -7.05
N ASN A 27 -10.05 2.51 -7.11
CA ASN A 27 -8.77 3.00 -6.60
C ASN A 27 -8.71 3.03 -5.08
N HIS A 28 -7.92 2.13 -4.51
CA HIS A 28 -7.47 2.27 -3.14
C HIS A 28 -6.41 3.37 -3.05
N GLU A 29 -6.85 4.55 -2.61
CA GLU A 29 -5.93 5.66 -2.40
C GLU A 29 -5.71 5.84 -0.91
N HIS A 30 -4.62 6.49 -0.55
CA HIS A 30 -4.40 6.86 0.85
C HIS A 30 -4.26 8.37 0.99
N PHE A 31 -3.48 8.80 1.98
CA PHE A 31 -2.74 10.06 1.91
C PHE A 31 -1.45 10.02 2.71
N ASN A 43 -3.72 5.47 -11.27
CA ASN A 43 -4.22 6.70 -11.87
C ASN A 43 -4.02 6.72 -13.38
N VAL A 44 -2.81 6.38 -13.82
CA VAL A 44 -2.55 6.07 -15.22
C VAL A 44 -2.91 4.63 -15.57
N ASP A 45 -2.42 3.70 -14.77
CA ASP A 45 -3.00 2.36 -14.69
C ASP A 45 -4.52 2.45 -14.77
N CYS A 46 -5.08 3.24 -13.85
CA CYS A 46 -6.53 3.24 -13.62
C CYS A 46 -7.28 3.82 -14.82
N GLU A 47 -6.54 4.51 -15.69
CA GLU A 47 -7.15 5.11 -16.87
C GLU A 47 -7.02 4.16 -18.05
N ASN A 48 -5.83 3.63 -18.24
CA ASN A 48 -5.61 2.54 -19.17
C ASN A 48 -6.64 1.41 -19.01
N LEU A 49 -6.57 0.68 -17.90
CA LEU A 49 -7.64 -0.24 -17.53
C LEU A 49 -8.98 0.24 -18.08
N THR A 50 -9.52 1.30 -17.50
CA THR A 50 -10.72 1.96 -18.01
C THR A 50 -10.86 1.86 -19.53
N ARG A 51 -9.86 2.37 -20.25
CA ARG A 51 -9.93 2.44 -21.70
C ARG A 51 -10.13 1.06 -22.31
N VAL A 52 -9.21 0.15 -21.98
CA VAL A 52 -9.24 -1.20 -22.54
C VAL A 52 -10.56 -1.87 -22.25
N LEU A 53 -11.11 -1.62 -21.08
CA LEU A 53 -12.36 -2.26 -20.68
C LEU A 53 -13.55 -1.63 -21.39
N LYS A 54 -13.32 -0.44 -21.96
CA LYS A 54 -14.32 0.21 -22.80
C LYS A 54 -14.23 -0.31 -24.23
N GLN A 55 -13.01 -0.49 -24.72
CA GLN A 55 -12.78 -1.13 -26.01
C GLN A 55 -13.37 -2.53 -26.04
N LEU A 56 -13.43 -3.17 -24.87
CA LEU A 56 -13.96 -4.52 -24.75
C LEU A 56 -15.46 -4.54 -24.50
N ASP A 57 -16.03 -3.38 -24.21
CA ASP A 57 -17.47 -3.16 -24.32
C ASP A 57 -18.12 -3.07 -22.95
N PHE A 58 -17.31 -2.99 -21.89
CA PHE A 58 -17.81 -2.89 -20.52
C PHE A 58 -18.46 -1.55 -20.25
N GLU A 59 -19.37 -1.50 -19.28
CA GLU A 59 -19.80 -0.22 -18.73
C GLU A 59 -18.97 0.18 -17.52
N VAL A 60 -17.98 1.03 -17.78
CA VAL A 60 -16.92 1.29 -16.81
C VAL A 60 -17.31 2.44 -15.88
N THR A 61 -17.45 2.15 -14.59
CA THR A 61 -17.48 3.20 -13.59
C THR A 61 -16.26 3.13 -12.67
N VAL A 62 -15.67 4.29 -12.39
CA VAL A 62 -14.38 4.37 -11.71
C VAL A 62 -14.51 5.06 -10.36
N TYR A 63 -14.44 4.28 -9.28
CA TYR A 63 -14.64 4.84 -7.95
C TYR A 63 -13.29 5.20 -7.33
N LYS A 64 -13.26 6.32 -6.60
CA LYS A 64 -12.04 6.78 -5.94
C LYS A 64 -12.31 6.90 -4.45
N ASP A 65 -12.26 5.76 -3.77
CA ASP A 65 -12.49 5.75 -2.33
C ASP A 65 -11.43 5.02 -1.53
N CYS A 66 -11.50 5.17 -0.21
CA CYS A 66 -10.33 5.20 0.65
C CYS A 66 -10.61 4.40 1.92
N ARG A 67 -11.87 4.37 2.32
CA ARG A 67 -12.37 3.40 3.29
C ARG A 67 -12.77 2.09 2.60
N TYR A 68 -11.91 1.09 2.71
CA TYR A 68 -12.09 -0.17 1.99
C TYR A 68 -13.55 -0.63 2.02
N LYS A 69 -14.16 -0.55 3.20
CA LYS A 69 -15.57 -0.84 3.37
C LYS A 69 -16.45 -0.24 2.27
N ASP A 70 -16.12 0.97 1.84
CA ASP A 70 -16.79 1.59 0.70
C ASP A 70 -16.72 0.70 -0.52
N ILE A 71 -15.53 0.21 -0.82
CA ILE A 71 -15.28 -0.65 -1.97
C ILE A 71 -16.08 -1.94 -1.89
N LEU A 72 -16.14 -2.52 -0.70
CA LEU A 72 -16.86 -3.78 -0.51
C LEU A 72 -18.36 -3.58 -0.72
N ARG A 73 -18.94 -2.65 0.03
CA ARG A 73 -20.37 -2.38 -0.07
C ARG A 73 -20.75 -2.14 -1.51
N THR A 74 -20.02 -1.24 -2.18
CA THR A 74 -20.32 -0.88 -3.55
C THR A 74 -20.39 -2.14 -4.40
N ILE A 75 -19.61 -3.14 -3.99
CA ILE A 75 -19.62 -4.45 -4.63
C ILE A 75 -20.88 -5.20 -4.24
N GLU A 76 -21.20 -5.24 -2.95
CA GLU A 76 -22.40 -5.92 -2.48
C GLU A 76 -23.63 -5.50 -3.26
N TYR A 77 -23.79 -4.20 -3.45
CA TYR A 77 -24.99 -3.63 -4.07
C TYR A 77 -25.09 -3.91 -5.57
N SER A 78 -23.95 -4.19 -6.19
CA SER A 78 -23.92 -4.49 -7.61
C SER A 78 -24.16 -5.98 -7.84
N ALA A 79 -23.72 -6.79 -6.89
CA ALA A 79 -24.17 -8.17 -6.81
C ALA A 79 -25.69 -8.20 -6.88
N SER A 80 -26.32 -7.22 -6.22
CA SER A 80 -27.76 -7.25 -5.97
C SER A 80 -28.52 -6.91 -7.24
N GLN A 81 -27.81 -6.40 -8.24
CA GLN A 81 -28.44 -5.99 -9.48
C GLN A 81 -28.86 -7.19 -10.31
N ASN A 82 -29.68 -6.93 -11.33
CA ASN A 82 -30.08 -7.96 -12.29
C ASN A 82 -29.19 -7.88 -13.52
N HIS A 83 -28.24 -8.81 -13.60
CA HIS A 83 -27.37 -8.90 -14.76
C HIS A 83 -27.83 -9.96 -15.75
N SER A 84 -29.13 -10.16 -15.84
CA SER A 84 -29.74 -11.05 -16.83
C SER A 84 -29.25 -10.82 -18.26
N ASP A 85 -28.99 -9.56 -18.59
CA ASP A 85 -28.57 -9.17 -19.93
C ASP A 85 -27.05 -9.02 -20.02
N SER A 86 -26.36 -9.45 -18.97
CA SER A 86 -24.91 -9.35 -18.91
C SER A 86 -24.22 -10.62 -19.41
N ASP A 87 -23.18 -10.45 -20.23
CA ASP A 87 -22.15 -11.46 -20.39
C ASP A 87 -21.58 -11.86 -19.02
N CYS A 88 -21.02 -10.88 -18.33
CA CYS A 88 -20.17 -11.14 -17.17
C CYS A 88 -20.20 -10.00 -16.16
N ILE A 89 -19.23 -9.99 -15.26
CA ILE A 89 -18.90 -8.80 -14.48
C ILE A 89 -17.40 -8.74 -14.24
N LEU A 90 -16.88 -7.54 -14.10
CA LEU A 90 -15.49 -7.38 -13.68
C LEU A 90 -15.37 -6.42 -12.51
N VAL A 91 -14.72 -6.86 -11.45
CA VAL A 91 -14.32 -5.97 -10.37
C VAL A 91 -12.80 -5.82 -10.35
N ALA A 92 -12.33 -4.62 -10.09
CA ALA A 92 -10.90 -4.34 -10.20
C ALA A 92 -10.43 -3.45 -9.06
N ILE A 93 -9.69 -4.03 -8.13
CA ILE A 93 -9.13 -3.25 -7.03
C ILE A 93 -7.66 -2.93 -7.28
N LEU A 94 -7.34 -1.64 -7.25
CA LEU A 94 -5.96 -1.20 -7.50
C LEU A 94 -5.42 -0.45 -6.29
N SER A 95 -4.41 -1.02 -5.66
CA SER A 95 -3.75 -0.38 -4.54
C SER A 95 -2.42 0.22 -5.00
N HIS A 96 -2.06 1.34 -4.41
CA HIS A 96 -1.00 2.19 -4.94
C HIS A 96 0.33 1.77 -4.34
N GLY A 97 1.39 1.87 -5.14
CA GLY A 97 2.75 1.60 -4.69
C GLY A 97 3.03 1.96 -3.24
N GLU A 98 4.05 2.79 -3.03
CA GLU A 98 4.97 2.57 -1.92
C GLU A 98 4.62 3.37 -0.68
N MET A 99 3.34 3.35 -0.31
CA MET A 99 2.93 3.50 1.08
C MET A 99 1.77 2.56 1.39
N GLY A 100 1.68 2.14 2.64
CA GLY A 100 0.68 1.15 3.04
C GLY A 100 -0.66 1.76 3.43
N TYR A 101 -1.47 0.97 4.11
CA TYR A 101 -2.81 1.41 4.51
C TYR A 101 -3.10 0.94 5.94
N ILE A 102 -4.24 1.39 6.47
CA ILE A 102 -4.77 0.86 7.71
C ILE A 102 -6.20 0.42 7.45
N TYR A 103 -6.66 -0.62 8.13
CA TYR A 103 -8.03 -1.10 7.95
C TYR A 103 -8.72 -1.36 9.28
N ALA A 104 -10.01 -1.04 9.35
CA ALA A 104 -10.77 -1.18 10.59
C ALA A 104 -11.09 -2.65 10.87
N LYS A 105 -11.64 -2.91 12.06
CA LYS A 105 -11.65 -4.26 12.61
C LYS A 105 -12.51 -5.21 11.79
N ASP A 106 -13.40 -4.66 10.97
CA ASP A 106 -14.48 -5.42 10.35
C ASP A 106 -14.29 -5.53 8.84
N THR A 107 -13.18 -4.95 8.37
CA THR A 107 -12.85 -5.01 6.95
C THR A 107 -12.53 -6.45 6.57
N GLN A 108 -11.57 -7.03 7.29
CA GLN A 108 -11.07 -8.36 6.97
C GLN A 108 -12.26 -9.29 6.75
N TYR A 109 -13.04 -9.43 7.79
CA TYR A 109 -14.30 -10.14 7.68
C TYR A 109 -14.98 -9.73 6.39
N LYS A 110 -15.08 -8.43 6.17
CA LYS A 110 -15.96 -7.98 5.08
C LYS A 110 -15.36 -8.48 3.77
N LEU A 111 -14.08 -8.15 3.53
CA LEU A 111 -13.39 -8.85 2.45
C LEU A 111 -13.90 -10.26 2.52
N ASP A 112 -13.79 -10.85 3.71
CA ASP A 112 -13.82 -12.30 3.77
C ASP A 112 -15.09 -12.79 3.07
N ASN A 113 -16.17 -12.01 3.20
CA ASN A 113 -17.50 -12.44 2.76
C ASN A 113 -17.69 -12.32 1.25
N ILE A 114 -17.14 -11.23 0.71
CA ILE A 114 -17.80 -10.51 -0.38
C ILE A 114 -18.06 -11.44 -1.56
N TRP A 115 -17.52 -12.64 -1.49
CA TRP A 115 -17.66 -13.61 -2.57
C TRP A 115 -19.04 -14.27 -2.52
N SER A 116 -19.54 -14.51 -1.32
CA SER A 116 -20.85 -15.12 -1.17
C SER A 116 -21.87 -14.37 -2.02
N PHE A 117 -21.70 -13.07 -2.14
CA PHE A 117 -22.70 -12.23 -2.80
C PHE A 117 -22.89 -12.63 -4.25
N PHE A 118 -21.90 -13.33 -4.80
CA PHE A 118 -21.83 -13.57 -6.24
C PHE A 118 -22.10 -15.02 -6.62
N THR A 119 -22.16 -15.92 -5.63
CA THR A 119 -22.39 -17.32 -5.95
C THR A 119 -23.56 -17.40 -6.92
N ALA A 120 -23.79 -18.58 -7.50
CA ALA A 120 -24.99 -18.80 -8.32
C ALA A 120 -26.27 -18.75 -7.49
N ASN A 121 -26.22 -19.30 -6.28
CA ASN A 121 -27.30 -19.14 -5.32
C ASN A 121 -27.64 -17.67 -5.05
N HIS A 122 -26.67 -16.94 -4.49
CA HIS A 122 -26.90 -15.57 -4.05
C HIS A 122 -27.13 -14.60 -5.21
N CYS A 123 -26.74 -14.99 -6.42
CA CYS A 123 -26.74 -14.07 -7.55
C CYS A 123 -27.08 -14.80 -8.84
N PRO A 124 -28.38 -15.09 -9.04
CA PRO A 124 -28.78 -16.07 -10.04
C PRO A 124 -28.88 -15.50 -11.46
N SER A 125 -28.68 -14.19 -11.58
CA SER A 125 -28.53 -13.57 -12.89
C SER A 125 -27.11 -13.71 -13.42
N LEU A 126 -26.14 -13.79 -12.50
CA LEU A 126 -24.83 -14.40 -12.78
C LEU A 126 -24.72 -15.77 -12.13
N ALA A 127 -25.42 -16.74 -12.70
CA ALA A 127 -25.10 -18.13 -12.47
C ALA A 127 -24.63 -18.74 -13.79
N GLY A 128 -23.36 -19.12 -13.85
CA GLY A 128 -22.79 -19.69 -15.07
C GLY A 128 -22.20 -18.61 -15.94
N LYS A 129 -21.98 -17.43 -15.34
CA LYS A 129 -21.26 -16.36 -16.01
C LYS A 129 -19.95 -16.00 -15.30
N PRO A 130 -18.91 -15.68 -16.07
CA PRO A 130 -17.63 -15.31 -15.50
C PRO A 130 -17.77 -14.13 -14.52
N LYS A 131 -17.29 -14.31 -13.29
CA LYS A 131 -17.13 -13.19 -12.37
C LYS A 131 -15.66 -12.93 -12.16
N LEU A 132 -15.11 -11.98 -12.91
CA LEU A 132 -13.68 -11.69 -12.92
C LEU A 132 -13.31 -10.80 -11.74
N PHE A 133 -12.12 -10.99 -11.18
CA PHE A 133 -11.54 -10.01 -10.27
C PHE A 133 -10.08 -9.77 -10.58
N PHE A 134 -9.72 -8.50 -10.70
CA PHE A 134 -8.32 -8.12 -10.67
C PHE A 134 -7.96 -7.40 -9.38
N ILE A 135 -7.08 -8.02 -8.60
CA ILE A 135 -6.53 -7.39 -7.40
C ILE A 135 -5.10 -6.92 -7.63
N GLN A 136 -4.88 -5.62 -7.50
CA GLN A 136 -3.57 -5.08 -7.16
C GLN A 136 -3.46 -4.87 -5.66
N ALA A 137 -2.52 -5.57 -5.03
CA ALA A 137 -2.40 -5.53 -3.58
C ALA A 137 -0.98 -5.17 -3.17
N CYS A 138 -0.71 -5.18 -1.87
CA CYS A 138 0.58 -4.77 -1.35
C CYS A 138 1.42 -6.00 -1.04
N GLN A 139 2.74 -5.84 -1.08
CA GLN A 139 3.65 -6.93 -0.77
C GLN A 139 3.70 -7.18 0.74
N GLY A 140 2.58 -6.91 1.41
CA GLY A 140 2.44 -7.26 2.81
C GLY A 140 1.15 -8.02 3.05
N ASP A 141 0.21 -7.87 2.13
CA ASP A 141 -1.00 -8.69 2.12
C ASP A 141 -0.67 -10.14 1.76
N ARG A 142 -1.59 -11.05 2.09
CA ARG A 142 -1.42 -12.46 1.78
C ARG A 142 -2.39 -12.87 0.68
N LEU A 143 -2.04 -13.90 -0.07
CA LEU A 143 -3.02 -14.63 -0.86
C LEU A 143 -3.01 -16.13 -0.55
N ASP A 144 -4.15 -16.65 -0.15
CA ASP A 144 -4.24 -18.05 0.25
C ASP A 144 -5.57 -18.64 -0.19
N GLY A 145 -5.60 -19.96 -0.39
CA GLY A 145 -6.80 -20.67 -0.80
C GLY A 145 -7.05 -21.93 0.01
N SER A 163 -5.66 -9.86 3.66
CA SER A 163 -5.21 -11.11 3.05
C SER A 163 -6.36 -11.79 2.32
N TYR A 164 -6.05 -12.36 1.16
CA TYR A 164 -7.07 -12.68 0.17
C TYR A 164 -7.27 -14.18 0.06
N LYS A 165 -8.26 -14.69 0.80
CA LYS A 165 -8.63 -16.10 0.70
C LYS A 165 -9.36 -16.38 -0.61
N ILE A 166 -8.79 -17.27 -1.42
CA ILE A 166 -9.45 -17.74 -2.63
C ILE A 166 -10.78 -18.41 -2.29
N PRO A 167 -11.88 -17.87 -2.82
CA PRO A 167 -13.20 -18.34 -2.43
C PRO A 167 -13.35 -19.85 -2.60
N VAL A 168 -13.12 -20.34 -3.82
CA VAL A 168 -13.58 -21.66 -4.21
C VAL A 168 -15.07 -21.64 -4.56
N HIS A 169 -15.37 -21.06 -5.73
CA HIS A 169 -16.70 -21.17 -6.33
C HIS A 169 -16.55 -21.32 -7.84
N ALA A 170 -17.58 -21.85 -8.48
CA ALA A 170 -17.56 -22.02 -9.93
C ALA A 170 -17.58 -20.68 -10.64
N ASP A 171 -16.73 -20.53 -11.66
CA ASP A 171 -16.79 -19.41 -12.58
C ASP A 171 -16.01 -18.16 -12.15
N PHE A 172 -15.57 -18.12 -10.90
CA PHE A 172 -14.65 -17.08 -10.43
C PHE A 172 -13.29 -17.13 -11.14
N LEU A 173 -12.72 -15.96 -11.41
CA LEU A 173 -11.30 -15.83 -11.69
C LEU A 173 -10.71 -14.60 -11.01
N ILE A 174 -9.62 -14.81 -10.26
CA ILE A 174 -8.93 -13.74 -9.56
C ILE A 174 -7.49 -13.60 -10.07
N ALA A 175 -7.25 -12.65 -10.97
CA ALA A 175 -5.89 -12.21 -11.27
C ALA A 175 -5.33 -11.30 -10.18
N TYR A 176 -4.15 -11.65 -9.68
CA TYR A 176 -3.65 -11.03 -8.45
C TYR A 176 -2.16 -10.74 -8.52
N SER A 177 -1.80 -9.49 -8.22
CA SER A 177 -0.40 -9.09 -8.12
C SER A 177 -0.16 -8.21 -6.90
N THR A 178 1.10 -8.11 -6.50
CA THR A 178 1.49 -7.32 -5.33
C THR A 178 2.18 -6.04 -5.77
N VAL A 179 1.73 -4.91 -5.24
CA VAL A 179 2.46 -3.65 -5.34
C VAL A 179 3.37 -3.42 -4.14
N PRO A 180 4.60 -2.94 -4.37
CA PRO A 180 5.50 -2.73 -3.24
C PRO A 180 5.02 -1.59 -2.37
N GLY A 181 4.92 -1.83 -1.07
CA GLY A 181 4.46 -0.79 -0.15
C GLY A 181 5.56 -0.12 0.67
N PHE A 182 6.68 0.19 0.03
CA PHE A 182 7.70 1.05 0.64
C PHE A 182 8.57 1.72 -0.43
N TYR A 183 9.70 2.28 0.00
CA TYR A 183 10.46 3.17 -0.87
C TYR A 183 11.91 2.74 -1.13
N SER A 184 12.28 2.66 -2.41
CA SER A 184 13.41 3.40 -2.96
C SER A 184 13.51 3.23 -4.47
N TRP A 185 14.59 3.73 -5.07
CA TRP A 185 14.75 3.74 -6.53
C TRP A 185 14.36 5.10 -7.14
N ARG A 186 14.93 5.45 -8.29
CA ARG A 186 14.85 6.82 -8.82
C ARG A 186 13.81 7.10 -9.90
N ASN A 187 13.84 6.31 -10.98
CA ASN A 187 13.03 6.61 -12.15
C ASN A 187 11.53 6.45 -11.89
N THR A 188 10.95 7.43 -11.19
CA THR A 188 9.94 7.14 -10.17
C THR A 188 9.15 5.87 -10.52
N THR A 189 9.24 4.87 -9.66
CA THR A 189 8.77 3.54 -10.01
C THR A 189 7.44 3.64 -10.73
N ARG A 190 7.32 2.90 -11.82
CA ARG A 190 6.39 3.25 -12.88
C ARG A 190 4.98 2.83 -12.48
N GLY A 191 4.00 3.15 -13.32
CA GLY A 191 2.81 2.32 -13.42
C GLY A 191 3.18 0.86 -13.29
N SER A 192 2.34 0.09 -12.61
CA SER A 192 2.55 -1.35 -12.43
C SER A 192 2.83 -2.07 -13.73
N TRP A 193 3.64 -3.11 -13.66
CA TRP A 193 3.89 -3.97 -14.82
C TRP A 193 2.70 -4.90 -15.07
N PHE A 194 2.03 -5.31 -14.00
CA PHE A 194 0.78 -6.04 -14.12
C PHE A 194 -0.22 -5.32 -15.02
N MET A 195 -0.29 -4.00 -14.86
CA MET A 195 -1.33 -3.20 -15.53
C MET A 195 -0.88 -2.73 -16.91
N GLN A 196 0.38 -2.32 -17.02
CA GLN A 196 0.98 -2.04 -18.32
C GLN A 196 0.77 -3.20 -19.29
N SER A 197 1.00 -4.41 -18.80
CA SER A 197 0.98 -5.61 -19.64
C SER A 197 -0.46 -6.09 -19.88
N LEU A 198 -1.28 -5.99 -18.84
CA LEU A 198 -2.66 -6.46 -18.90
C LEU A 198 -3.46 -5.65 -19.91
N CYS A 199 -3.38 -4.32 -19.79
CA CYS A 199 -3.86 -3.42 -20.82
C CYS A 199 -3.23 -3.72 -22.18
N ALA A 200 -1.92 -3.94 -22.20
CA ALA A 200 -1.25 -4.22 -23.46
C ALA A 200 -1.84 -5.46 -24.11
N GLU A 201 -2.01 -6.52 -23.34
CA GLU A 201 -2.58 -7.75 -23.86
C GLU A 201 -4.06 -7.63 -24.23
N LEU A 202 -4.94 -7.63 -23.23
CA LEU A 202 -6.31 -7.19 -23.47
C LEU A 202 -6.38 -6.29 -24.71
N ALA A 203 -5.46 -5.33 -24.80
CA ALA A 203 -5.58 -4.22 -25.75
C ALA A 203 -5.05 -4.56 -27.13
N ALA A 204 -4.90 -5.86 -27.41
CA ALA A 204 -4.19 -6.30 -28.60
C ALA A 204 -4.71 -7.68 -29.01
N ASN A 205 -4.89 -8.53 -28.01
CA ASN A 205 -5.46 -9.86 -28.20
C ASN A 205 -6.77 -9.99 -27.45
N GLY A 206 -7.11 -8.97 -26.66
CA GLY A 206 -8.39 -8.96 -25.95
C GLY A 206 -9.49 -9.71 -26.68
N LYS A 207 -9.50 -9.58 -28.00
CA LYS A 207 -10.63 -10.05 -28.81
C LYS A 207 -10.22 -11.24 -29.65
N ARG A 208 -8.91 -11.45 -29.77
CA ARG A 208 -8.37 -12.51 -30.61
C ARG A 208 -8.32 -13.84 -29.85
N LEU A 209 -8.33 -13.76 -28.51
CA LEU A 209 -7.71 -14.77 -27.67
C LEU A 209 -8.53 -15.06 -26.42
N ASP A 210 -8.47 -16.29 -25.93
CA ASP A 210 -9.25 -16.69 -24.76
C ASP A 210 -8.54 -16.29 -23.47
N ILE A 211 -9.33 -16.01 -22.43
CA ILE A 211 -8.86 -15.21 -21.30
C ILE A 211 -7.56 -15.74 -20.70
N LEU A 212 -7.43 -17.06 -20.64
CA LEU A 212 -6.37 -17.69 -19.86
C LEU A 212 -5.03 -17.70 -20.61
N THR A 213 -5.09 -17.68 -21.94
CA THR A 213 -3.90 -17.48 -22.77
C THR A 213 -3.60 -15.99 -22.93
N LEU A 214 -4.60 -15.15 -22.72
CA LEU A 214 -4.32 -13.73 -22.46
C LEU A 214 -3.52 -13.61 -21.16
N LEU A 215 -4.14 -13.93 -20.04
CA LEU A 215 -3.52 -13.78 -18.73
C LEU A 215 -2.30 -14.68 -18.54
N THR A 216 -2.06 -15.56 -19.50
CA THR A 216 -0.82 -16.32 -19.53
C THR A 216 0.30 -15.44 -20.08
N PHE A 217 -0.03 -14.64 -21.09
CA PHE A 217 0.94 -13.77 -21.72
C PHE A 217 1.19 -12.51 -20.89
N VAL A 218 0.18 -12.11 -20.12
CA VAL A 218 0.35 -11.03 -19.15
C VAL A 218 1.38 -11.42 -18.10
N CYS A 219 1.47 -12.73 -17.85
CA CYS A 219 2.43 -13.28 -16.90
C CYS A 219 3.83 -13.35 -17.50
N GLN A 220 3.96 -14.04 -18.63
CA GLN A 220 5.13 -13.93 -19.47
C GLN A 220 5.76 -12.54 -19.38
N ARG A 221 4.99 -11.52 -19.75
CA ARG A 221 5.55 -10.21 -20.04
C ARG A 221 6.12 -9.53 -18.80
N VAL A 222 5.46 -9.70 -17.66
CA VAL A 222 5.98 -9.14 -16.41
C VAL A 222 7.12 -9.97 -15.84
N ALA A 223 7.30 -11.16 -16.39
CA ALA A 223 8.42 -12.02 -16.00
C ALA A 223 9.60 -11.82 -16.96
N VAL A 224 9.32 -11.86 -18.24
CA VAL A 224 10.28 -11.39 -19.25
C VAL A 224 10.30 -9.85 -19.28
N ASP A 225 10.22 -9.24 -18.10
CA ASP A 225 10.59 -7.84 -17.92
C ASP A 225 11.39 -7.64 -16.63
N PHE A 226 12.04 -8.71 -16.18
CA PHE A 226 13.03 -8.59 -15.11
C PHE A 226 14.44 -8.88 -15.64
N GLN A 241 5.91 -11.07 -6.80
CA GLN A 241 5.57 -10.14 -7.88
C GLN A 241 5.76 -10.79 -9.25
N ILE A 242 4.94 -11.80 -9.54
CA ILE A 242 4.45 -12.04 -10.89
C ILE A 242 2.96 -12.38 -10.80
N PRO A 243 2.21 -12.12 -11.87
CA PRO A 243 0.77 -12.30 -11.70
C PRO A 243 0.38 -13.73 -11.34
N CYS A 244 -0.53 -13.84 -10.39
CA CYS A 244 -0.93 -15.14 -9.87
C CYS A 244 -2.41 -15.34 -10.17
N ILE A 245 -2.70 -16.06 -11.25
CA ILE A 245 -4.08 -16.18 -11.70
C ILE A 245 -4.70 -17.44 -11.13
N THR A 246 -5.89 -17.31 -10.56
CA THR A 246 -6.57 -18.46 -9.97
C THR A 246 -7.98 -18.63 -10.55
N THR A 247 -8.15 -19.65 -11.38
CA THR A 247 -9.43 -19.82 -12.07
C THR A 247 -10.31 -20.92 -11.47
N MET A 248 -11.62 -20.70 -11.51
CA MET A 248 -12.57 -21.81 -11.53
C MET A 248 -13.52 -21.72 -12.72
N LEU A 249 -13.10 -21.00 -13.75
CA LEU A 249 -13.87 -20.95 -14.98
C LEU A 249 -14.23 -22.37 -15.38
N THR A 250 -15.51 -22.61 -15.64
CA THR A 250 -15.94 -23.89 -16.16
C THR A 250 -15.89 -23.96 -17.69
N ARG A 251 -15.48 -22.86 -18.32
CA ARG A 251 -15.55 -22.73 -19.78
C ARG A 251 -14.56 -21.72 -20.35
N ILE A 252 -14.33 -21.81 -21.66
CA ILE A 252 -13.47 -20.88 -22.39
C ILE A 252 -14.13 -19.52 -22.56
N LEU A 253 -13.50 -18.49 -21.98
CA LEU A 253 -14.03 -17.15 -22.04
C LEU A 253 -13.34 -16.35 -23.16
N ARG A 254 -14.13 -15.81 -24.09
CA ARG A 254 -13.59 -14.96 -25.14
C ARG A 254 -14.54 -13.82 -25.48
N PHE A 255 -14.07 -12.59 -25.27
CA PHE A 255 -14.86 -11.40 -25.54
C PHE A 255 -15.14 -11.28 -27.03
N SER A 256 -16.18 -11.98 -27.48
CA SER A 256 -16.55 -12.00 -28.90
C SER A 256 -17.67 -11.00 -29.17
N ALA B 10 8.62 -16.33 -27.02
CA ALA B 10 8.21 -17.71 -27.41
C ALA B 10 6.83 -18.05 -26.87
N ALA B 11 5.93 -18.46 -27.77
CA ALA B 11 4.55 -18.73 -27.39
C ALA B 11 4.41 -19.98 -26.53
N GLU B 12 5.18 -21.01 -26.86
CA GLU B 12 4.90 -22.36 -26.39
C GLU B 12 6.02 -22.88 -25.50
N TYR B 13 5.65 -23.63 -24.47
CA TYR B 13 6.65 -24.37 -23.70
C TYR B 13 7.31 -25.39 -24.61
N ASN B 14 8.65 -25.38 -24.62
CA ASN B 14 9.40 -26.38 -25.35
C ASN B 14 9.18 -27.77 -24.78
N MET B 15 8.19 -28.47 -25.33
CA MET B 15 7.80 -29.79 -24.85
C MET B 15 8.19 -30.87 -25.87
N ARG B 16 9.42 -30.79 -26.37
CA ARG B 16 9.99 -31.86 -27.19
C ARG B 16 11.43 -32.18 -26.78
N HIS B 17 11.70 -32.14 -25.48
CA HIS B 17 13.01 -32.55 -24.98
C HIS B 17 13.20 -34.05 -25.15
N LYS B 18 14.38 -34.55 -24.79
CA LYS B 18 14.58 -35.98 -24.67
C LYS B 18 13.42 -36.61 -23.89
N ASN B 19 13.36 -36.32 -22.60
CA ASN B 19 12.35 -36.89 -21.70
C ASN B 19 11.24 -35.89 -21.40
N ARG B 20 10.06 -36.41 -21.07
CA ARG B 20 8.94 -35.57 -20.67
C ARG B 20 9.19 -35.00 -19.27
N GLY B 21 9.47 -35.87 -18.30
CA GLY B 21 9.79 -35.44 -16.96
C GLY B 21 9.28 -36.41 -15.91
N MET B 22 9.39 -36.00 -14.65
CA MET B 22 9.16 -36.90 -13.52
C MET B 22 7.75 -36.69 -12.98
N ALA B 23 7.08 -37.78 -12.64
CA ALA B 23 5.80 -37.71 -11.97
C ALA B 23 5.88 -38.42 -10.63
N LEU B 24 6.01 -37.64 -9.55
CA LEU B 24 5.95 -38.19 -8.21
C LEU B 24 4.54 -38.15 -7.66
N ILE B 25 3.90 -39.32 -7.57
CA ILE B 25 2.55 -39.40 -7.03
C ILE B 25 2.57 -39.85 -5.58
N PHE B 26 2.38 -38.91 -4.68
CA PHE B 26 2.42 -39.23 -3.26
C PHE B 26 1.01 -39.49 -2.75
N ASN B 27 0.77 -40.71 -2.28
CA ASN B 27 -0.36 -40.99 -1.41
C ASN B 27 -0.13 -40.51 0.02
N ASN B 43 -7.19 -45.51 -3.22
CA ASN B 43 -6.29 -46.38 -3.97
C ASN B 43 -6.44 -46.25 -5.48
N VAL B 44 -7.68 -46.12 -5.93
CA VAL B 44 -8.00 -46.09 -7.36
C VAL B 44 -7.69 -44.76 -8.04
N ASP B 45 -7.64 -43.68 -7.25
CA ASP B 45 -7.25 -42.38 -7.77
C ASP B 45 -5.76 -42.39 -8.12
N CYS B 46 -4.96 -42.96 -7.22
CA CYS B 46 -3.53 -43.04 -7.48
C CYS B 46 -3.23 -43.85 -8.73
N GLU B 47 -4.13 -44.77 -9.07
CA GLU B 47 -3.88 -45.69 -10.17
C GLU B 47 -4.12 -45.05 -11.53
N ASN B 48 -5.31 -44.46 -11.68
CA ASN B 48 -5.64 -43.75 -12.92
C ASN B 48 -4.59 -42.69 -13.25
N LEU B 49 -4.38 -41.77 -12.33
CA LEU B 49 -3.32 -40.79 -12.54
C LEU B 49 -2.15 -41.51 -13.18
N THR B 50 -1.72 -42.59 -12.53
CA THR B 50 -0.63 -43.42 -13.01
C THR B 50 -0.79 -43.82 -14.48
N ARG B 51 -1.81 -44.61 -14.76
CA ARG B 51 -2.16 -44.94 -16.13
C ARG B 51 -1.94 -43.77 -17.08
N VAL B 52 -2.57 -42.64 -16.77
CA VAL B 52 -2.66 -41.52 -17.70
C VAL B 52 -1.32 -40.83 -17.94
N LEU B 53 -0.60 -40.56 -16.86
CA LEU B 53 0.69 -39.89 -16.97
C LEU B 53 1.68 -40.77 -17.74
N LYS B 54 1.57 -42.07 -17.51
CA LYS B 54 2.31 -43.06 -18.31
C LYS B 54 2.01 -42.92 -19.79
N GLN B 55 0.74 -42.65 -20.12
CA GLN B 55 0.34 -42.43 -21.51
C GLN B 55 0.75 -41.05 -22.00
N LEU B 56 1.17 -40.20 -21.06
CA LEU B 56 1.80 -38.93 -21.41
C LEU B 56 3.32 -39.09 -21.36
N ASP B 57 3.76 -40.33 -21.26
CA ASP B 57 5.17 -40.69 -21.36
C ASP B 57 6.02 -39.99 -20.32
N PHE B 58 5.39 -39.60 -19.22
CA PHE B 58 6.05 -39.41 -17.94
C PHE B 58 6.65 -40.74 -17.45
N GLU B 59 7.72 -40.66 -16.68
CA GLU B 59 8.08 -41.73 -15.75
C GLU B 59 7.45 -41.50 -14.38
N VAL B 60 6.60 -42.44 -13.98
CA VAL B 60 5.78 -42.27 -12.79
C VAL B 60 6.31 -43.17 -11.68
N THR B 61 6.57 -42.57 -10.52
CA THR B 61 6.90 -43.35 -9.33
C THR B 61 5.98 -42.97 -8.17
N VAL B 62 5.56 -43.99 -7.42
CA VAL B 62 4.39 -43.87 -6.56
C VAL B 62 4.84 -44.04 -5.12
N TYR B 63 4.51 -43.09 -4.26
CA TYR B 63 5.02 -43.09 -2.90
C TYR B 63 3.91 -43.34 -1.88
N LYS B 64 3.94 -44.50 -1.24
CA LYS B 64 2.94 -44.84 -0.24
C LYS B 64 3.42 -44.52 1.17
N ASP B 65 2.48 -44.39 2.09
CA ASP B 65 2.80 -44.20 3.51
C ASP B 65 2.69 -42.75 3.95
N CYS B 66 2.34 -41.87 3.01
CA CYS B 66 2.03 -40.48 3.32
C CYS B 66 3.10 -39.87 4.24
N ARG B 67 2.66 -39.32 5.36
CA ARG B 67 3.54 -38.54 6.22
C ARG B 67 4.26 -37.43 5.46
N TYR B 68 3.59 -36.28 5.37
CA TYR B 68 4.23 -34.99 5.58
C TYR B 68 5.74 -35.01 5.30
N LYS B 69 6.51 -35.59 6.24
CA LYS B 69 7.96 -35.41 6.26
C LYS B 69 8.71 -36.18 5.18
N ASP B 70 8.23 -37.35 4.82
CA ASP B 70 8.82 -38.09 3.71
C ASP B 70 8.59 -37.32 2.41
N ILE B 71 7.33 -36.98 2.16
CA ILE B 71 6.94 -36.23 0.97
C ILE B 71 7.88 -35.05 0.76
N LEU B 72 7.90 -34.14 1.72
CA LEU B 72 8.85 -33.03 1.73
C LEU B 72 10.24 -33.54 1.36
N ARG B 73 10.73 -34.52 2.11
CA ARG B 73 12.11 -34.95 1.96
C ARG B 73 12.35 -35.47 0.55
N THR B 74 11.46 -36.33 0.09
CA THR B 74 11.52 -36.85 -1.27
C THR B 74 11.55 -35.72 -2.29
N ILE B 75 10.68 -34.73 -2.11
CA ILE B 75 10.61 -33.61 -3.05
C ILE B 75 11.91 -32.82 -3.07
N GLU B 76 12.50 -32.64 -1.90
CA GLU B 76 13.84 -32.04 -1.81
C GLU B 76 14.77 -32.67 -2.84
N TYR B 77 14.89 -33.99 -2.80
CA TYR B 77 15.89 -34.69 -3.59
C TYR B 77 15.52 -34.75 -5.08
N SER B 78 14.23 -34.74 -5.37
CA SER B 78 13.77 -34.71 -6.75
C SER B 78 14.07 -33.38 -7.40
N ALA B 79 14.02 -32.32 -6.60
CA ALA B 79 14.48 -31.01 -7.03
C ALA B 79 16.00 -30.97 -7.21
N SER B 80 16.70 -31.84 -6.48
CA SER B 80 18.15 -31.83 -6.48
C SER B 80 18.76 -32.27 -7.80
N GLN B 81 17.90 -32.54 -8.80
CA GLN B 81 18.26 -33.43 -9.90
C GLN B 81 18.38 -32.71 -11.25
N ASN B 82 19.38 -33.11 -12.04
CA ASN B 82 19.58 -32.56 -13.37
C ASN B 82 18.40 -32.84 -14.29
N HIS B 83 17.55 -31.84 -14.48
CA HIS B 83 16.32 -32.02 -15.27
C HIS B 83 16.51 -31.45 -16.66
N SER B 84 17.75 -31.15 -17.02
CA SER B 84 18.04 -30.52 -18.30
C SER B 84 17.36 -31.20 -19.49
N ASP B 85 16.95 -32.45 -19.34
CA ASP B 85 16.40 -33.21 -20.46
C ASP B 85 14.93 -33.59 -20.25
N SER B 86 14.23 -32.81 -19.43
CA SER B 86 12.83 -33.07 -19.16
C SER B 86 11.97 -31.86 -19.52
N ASP B 87 10.83 -32.10 -20.17
CA ASP B 87 9.90 -31.03 -20.52
C ASP B 87 9.36 -30.31 -19.28
N CYS B 88 9.13 -31.07 -18.22
CA CYS B 88 8.58 -30.50 -16.98
C CYS B 88 8.86 -31.36 -15.75
N ILE B 89 8.18 -31.05 -14.65
CA ILE B 89 7.98 -32.00 -13.56
C ILE B 89 6.55 -31.98 -13.05
N LEU B 90 6.08 -33.13 -12.57
CA LEU B 90 4.73 -33.20 -12.04
C LEU B 90 4.72 -33.85 -10.67
N VAL B 91 4.17 -33.13 -9.70
CA VAL B 91 4.07 -33.64 -8.35
C VAL B 91 2.62 -33.72 -7.91
N ALA B 92 2.13 -34.93 -7.73
CA ALA B 92 0.78 -35.14 -7.20
C ALA B 92 0.83 -35.56 -5.75
N ILE B 93 -0.16 -35.13 -4.97
CA ILE B 93 -0.31 -35.53 -3.57
C ILE B 93 -1.77 -35.83 -3.30
N LEU B 94 -2.07 -37.07 -2.96
CA LEU B 94 -3.45 -37.53 -2.92
C LEU B 94 -3.81 -38.00 -1.53
N SER B 95 -4.77 -37.32 -0.91
CA SER B 95 -5.15 -37.62 0.46
C SER B 95 -6.55 -38.21 0.46
N HIS B 96 -6.87 -38.98 1.49
CA HIS B 96 -8.11 -39.75 1.49
C HIS B 96 -8.86 -39.61 2.81
N ILE B 114 8.76 -25.81 0.91
CA ILE B 114 8.18 -26.93 0.18
C ILE B 114 8.02 -26.61 -1.30
N TRP B 115 8.09 -25.33 -1.62
CA TRP B 115 8.17 -24.86 -3.00
C TRP B 115 9.60 -24.45 -3.31
N SER B 116 10.22 -23.71 -2.40
CA SER B 116 11.47 -23.01 -2.68
C SER B 116 12.45 -23.93 -3.40
N PHE B 117 12.07 -25.20 -3.51
CA PHE B 117 12.97 -26.23 -4.03
C PHE B 117 12.95 -26.25 -5.55
N PHE B 118 11.97 -25.56 -6.12
CA PHE B 118 11.69 -25.65 -7.55
C PHE B 118 11.88 -24.30 -8.26
N THR B 119 11.93 -23.23 -7.48
CA THR B 119 12.31 -21.92 -7.98
C THR B 119 13.56 -22.00 -8.85
N ALA B 120 13.67 -21.07 -9.80
CA ALA B 120 14.63 -21.19 -10.89
C ALA B 120 16.06 -21.17 -10.34
N ASN B 121 16.30 -20.27 -9.39
CA ASN B 121 17.56 -20.19 -8.67
C ASN B 121 17.91 -21.56 -8.06
N HIS B 122 16.97 -22.09 -7.30
CA HIS B 122 17.14 -23.37 -6.62
C HIS B 122 17.14 -24.54 -7.59
N CYS B 123 16.23 -24.55 -8.55
CA CYS B 123 16.19 -25.61 -9.55
C CYS B 123 16.31 -25.05 -10.96
N PRO B 124 17.53 -24.66 -11.36
CA PRO B 124 17.74 -24.00 -12.64
C PRO B 124 17.62 -24.94 -13.84
N SER B 125 17.81 -26.24 -13.59
CA SER B 125 17.53 -27.25 -14.63
C SER B 125 16.05 -27.23 -15.03
N LEU B 126 15.19 -26.80 -14.12
CA LEU B 126 13.84 -26.38 -14.46
C LEU B 126 13.66 -24.87 -14.26
N ALA B 127 13.99 -24.11 -15.30
CA ALA B 127 13.81 -22.67 -15.27
C ALA B 127 13.17 -22.21 -16.58
N GLY B 128 12.06 -21.49 -16.49
CA GLY B 128 11.09 -21.47 -17.56
C GLY B 128 10.78 -22.84 -18.13
N LYS B 129 10.67 -23.83 -17.26
CA LYS B 129 9.88 -25.04 -17.56
C LYS B 129 8.69 -25.15 -16.61
N PRO B 130 7.59 -25.73 -17.10
CA PRO B 130 6.39 -25.97 -16.29
C PRO B 130 6.66 -26.93 -15.13
N LYS B 131 6.06 -26.62 -13.98
CA LYS B 131 6.18 -27.48 -12.82
C LYS B 131 4.80 -27.67 -12.16
N LEU B 132 4.19 -28.83 -12.39
CA LEU B 132 2.75 -29.01 -12.20
C LEU B 132 2.47 -29.59 -10.83
N PHE B 133 1.39 -29.15 -10.20
CA PHE B 133 1.10 -29.51 -8.82
C PHE B 133 -0.36 -29.83 -8.67
N PHE B 134 -0.66 -31.10 -8.43
CA PHE B 134 -2.03 -31.55 -8.29
C PHE B 134 -2.25 -32.07 -6.88
N ILE B 135 -2.89 -31.25 -6.05
CA ILE B 135 -3.17 -31.63 -4.67
C ILE B 135 -4.63 -32.00 -4.49
N GLN B 136 -4.86 -33.14 -3.84
CA GLN B 136 -6.18 -33.52 -3.37
C GLN B 136 -6.14 -33.61 -1.86
N ALA B 137 -6.45 -32.48 -1.20
CA ALA B 137 -6.37 -32.41 0.25
C ALA B 137 -7.72 -32.74 0.91
N CYS B 138 -7.70 -32.96 2.22
CA CYS B 138 -8.85 -33.55 2.92
C CYS B 138 -9.88 -32.51 3.35
N SER B 163 -7.12 -25.41 3.76
CA SER B 163 -6.67 -24.02 3.71
C SER B 163 -5.16 -23.96 3.51
N TYR B 164 -4.73 -23.17 2.53
CA TYR B 164 -3.31 -23.09 2.18
C TYR B 164 -2.92 -21.75 1.57
N LYS B 165 -1.65 -21.39 1.75
CA LYS B 165 -1.14 -20.13 1.21
C LYS B 165 -0.36 -20.42 -0.07
N ILE B 166 -0.26 -19.41 -0.94
CA ILE B 166 0.66 -19.47 -2.06
C ILE B 166 1.20 -18.11 -2.51
N PRO B 167 2.47 -18.08 -2.94
CA PRO B 167 2.90 -17.23 -4.03
C PRO B 167 3.50 -18.06 -5.17
N VAL B 168 4.79 -17.90 -5.43
CA VAL B 168 5.34 -16.68 -6.04
C VAL B 168 5.54 -16.94 -7.54
N HIS B 169 6.20 -18.05 -7.85
CA HIS B 169 7.23 -18.06 -8.88
C HIS B 169 6.68 -18.51 -10.22
N ALA B 170 7.44 -18.23 -11.28
CA ALA B 170 6.95 -18.32 -12.65
C ALA B 170 6.92 -19.78 -13.10
N ASP B 171 5.93 -20.12 -13.91
CA ASP B 171 5.88 -21.44 -14.52
C ASP B 171 5.42 -22.51 -13.54
N PHE B 172 4.91 -22.09 -12.38
CA PHE B 172 4.23 -22.97 -11.45
C PHE B 172 2.74 -23.09 -11.78
N LEU B 173 2.16 -24.24 -11.46
CA LEU B 173 0.71 -24.44 -11.57
C LEU B 173 0.27 -25.35 -10.43
N ILE B 174 -0.92 -25.11 -9.90
CA ILE B 174 -1.37 -25.82 -8.71
C ILE B 174 -2.87 -26.13 -8.78
N ALA B 175 -3.19 -27.30 -9.29
CA ALA B 175 -4.56 -27.81 -9.22
C ALA B 175 -4.82 -28.33 -7.82
N TYR B 176 -5.96 -27.96 -7.26
CA TYR B 176 -6.22 -28.18 -5.85
C TYR B 176 -7.72 -28.44 -5.63
N SER B 177 -8.06 -29.69 -5.33
CA SER B 177 -9.41 -29.99 -4.87
C SER B 177 -9.43 -30.36 -3.40
N THR B 178 -10.63 -30.48 -2.83
CA THR B 178 -10.80 -31.02 -1.49
C THR B 178 -11.84 -32.14 -1.42
N VAL B 179 -11.37 -33.34 -1.06
CA VAL B 179 -12.24 -34.48 -0.78
C VAL B 179 -13.05 -34.24 0.50
N PRO B 180 -14.24 -34.86 0.59
CA PRO B 180 -14.97 -35.03 1.84
C PRO B 180 -14.06 -35.34 3.02
N THR B 189 -17.36 -46.20 -7.08
CA THR B 189 -16.21 -46.90 -6.53
C THR B 189 -14.90 -46.41 -7.16
N ARG B 190 -14.92 -46.26 -8.48
CA ARG B 190 -14.27 -45.15 -9.16
C ARG B 190 -14.29 -43.88 -8.30
N GLY B 191 -13.14 -43.21 -8.22
CA GLY B 191 -12.78 -42.48 -7.01
C GLY B 191 -13.37 -41.08 -6.95
N SER B 192 -12.55 -40.13 -6.52
CA SER B 192 -12.99 -38.74 -6.39
C SER B 192 -13.36 -38.19 -7.76
N TRP B 193 -14.09 -37.07 -7.75
CA TRP B 193 -14.60 -36.49 -8.99
C TRP B 193 -13.52 -35.68 -9.69
N PHE B 194 -12.70 -34.99 -8.90
CA PHE B 194 -11.54 -34.29 -9.42
C PHE B 194 -10.61 -35.23 -10.19
N MET B 195 -10.32 -36.39 -9.60
CA MET B 195 -9.44 -37.35 -10.25
C MET B 195 -10.11 -38.08 -11.42
N GLN B 196 -11.36 -38.46 -11.26
CA GLN B 196 -12.09 -39.13 -12.33
C GLN B 196 -12.08 -38.26 -13.59
N SER B 197 -12.45 -37.00 -13.41
CA SER B 197 -12.49 -36.03 -14.50
C SER B 197 -11.11 -35.65 -15.01
N LEU B 198 -10.15 -35.48 -14.09
CA LEU B 198 -8.82 -35.03 -14.49
C LEU B 198 -8.15 -36.06 -15.38
N CYS B 199 -8.41 -37.33 -15.08
CA CYS B 199 -7.90 -38.42 -15.90
C CYS B 199 -8.78 -38.67 -17.13
N ALA B 200 -10.09 -38.66 -16.95
CA ALA B 200 -10.98 -38.74 -18.09
C ALA B 200 -10.59 -37.70 -19.15
N GLU B 201 -10.15 -36.55 -18.70
CA GLU B 201 -9.69 -35.52 -19.62
C GLU B 201 -8.29 -35.81 -20.16
N LEU B 202 -7.31 -35.84 -19.26
CA LEU B 202 -5.94 -36.03 -19.71
C LEU B 202 -5.91 -37.16 -20.74
N ALA B 203 -6.57 -38.26 -20.40
CA ALA B 203 -6.48 -39.49 -21.18
C ALA B 203 -7.44 -39.52 -22.36
N ALA B 204 -7.80 -38.35 -22.87
CA ALA B 204 -8.68 -38.27 -24.03
C ALA B 204 -8.29 -37.04 -24.83
N ASN B 205 -7.87 -36.00 -24.13
CA ASN B 205 -7.47 -34.76 -24.78
C ASN B 205 -6.16 -34.21 -24.24
N GLY B 206 -5.50 -34.98 -23.38
CA GLY B 206 -4.24 -34.55 -22.79
C GLY B 206 -3.22 -34.10 -23.82
N LYS B 207 -3.31 -34.66 -25.03
CA LYS B 207 -2.31 -34.44 -26.07
C LYS B 207 -2.90 -33.48 -27.12
N ARG B 208 -4.22 -33.29 -27.06
CA ARG B 208 -4.91 -32.42 -27.99
C ARG B 208 -5.05 -30.99 -27.48
N LEU B 209 -5.24 -30.84 -26.17
CA LEU B 209 -5.52 -29.53 -25.58
C LEU B 209 -4.37 -29.01 -24.71
N ASP B 210 -4.22 -27.70 -24.69
CA ASP B 210 -3.33 -27.03 -23.73
C ASP B 210 -3.85 -27.19 -22.30
N ILE B 211 -2.92 -27.19 -21.34
CA ILE B 211 -3.23 -27.64 -19.99
C ILE B 211 -4.37 -26.83 -19.37
N LEU B 212 -4.47 -25.57 -19.78
CA LEU B 212 -5.26 -24.59 -19.04
C LEU B 212 -6.72 -24.59 -19.45
N THR B 213 -6.98 -25.00 -20.70
CA THR B 213 -8.34 -25.34 -21.08
C THR B 213 -8.67 -26.78 -20.71
N LEU B 214 -7.70 -27.68 -20.86
CA LEU B 214 -7.86 -29.04 -20.36
C LEU B 214 -8.43 -28.97 -18.95
N LEU B 215 -7.75 -28.22 -18.08
CA LEU B 215 -8.11 -28.15 -16.67
C LEU B 215 -9.39 -27.35 -16.46
N THR B 216 -9.61 -26.33 -17.29
CA THR B 216 -10.88 -25.61 -17.26
C THR B 216 -12.07 -26.56 -17.41
N PHE B 217 -12.03 -27.41 -18.43
CA PHE B 217 -13.05 -28.42 -18.63
C PHE B 217 -13.04 -29.44 -17.50
N VAL B 218 -11.90 -29.62 -16.86
CA VAL B 218 -11.88 -30.45 -15.66
C VAL B 218 -12.73 -29.80 -14.56
N CYS B 219 -12.77 -28.47 -14.55
CA CYS B 219 -13.63 -27.75 -13.62
C CYS B 219 -15.10 -27.94 -13.97
N GLN B 220 -15.39 -27.88 -15.27
CA GLN B 220 -16.77 -27.92 -15.73
C GLN B 220 -17.39 -29.30 -15.51
N ARG B 221 -16.59 -30.34 -15.64
CA ARG B 221 -17.07 -31.71 -15.55
C ARG B 221 -17.30 -32.15 -14.11
N VAL B 222 -16.55 -31.56 -13.18
CA VAL B 222 -16.77 -31.82 -11.75
C VAL B 222 -17.95 -31.01 -11.21
N ALA B 223 -17.98 -29.73 -11.55
CA ALA B 223 -19.16 -28.89 -11.31
C ALA B 223 -20.44 -29.66 -11.62
N VAL B 224 -20.40 -30.41 -12.72
CA VAL B 224 -21.58 -30.60 -13.56
C VAL B 224 -22.04 -32.05 -13.58
N ASP B 225 -21.14 -32.98 -13.26
CA ASP B 225 -21.50 -34.40 -13.26
C ASP B 225 -21.80 -34.91 -11.85
N PHE B 226 -22.19 -34.00 -10.98
CA PHE B 226 -22.27 -34.26 -9.54
C PHE B 226 -23.65 -34.79 -9.14
N GLU B 227 -24.67 -34.37 -9.88
CA GLU B 227 -26.05 -34.41 -9.39
C GLU B 227 -26.92 -35.29 -10.27
N SER B 228 -27.75 -36.12 -9.65
CA SER B 228 -28.52 -37.12 -10.39
C SER B 228 -29.91 -37.41 -9.82
N CYS B 229 -30.23 -36.82 -8.68
CA CYS B 229 -31.36 -37.26 -7.86
C CYS B 229 -31.22 -36.72 -6.44
N GLN B 241 -15.88 -28.04 -3.77
CA GLN B 241 -15.15 -29.23 -4.23
C GLN B 241 -14.59 -29.11 -5.65
N ILE B 242 -15.11 -28.15 -6.41
CA ILE B 242 -14.52 -27.84 -7.70
C ILE B 242 -13.00 -27.75 -7.54
N PRO B 243 -12.26 -28.17 -8.58
CA PRO B 243 -10.85 -27.82 -8.61
C PRO B 243 -10.64 -26.32 -8.60
N CYS B 244 -9.82 -25.85 -7.67
CA CYS B 244 -9.28 -24.50 -7.77
C CYS B 244 -7.93 -24.56 -8.45
N ILE B 245 -7.78 -23.73 -9.48
CA ILE B 245 -6.61 -23.80 -10.36
C ILE B 245 -5.95 -22.42 -10.41
N THR B 246 -4.63 -22.41 -10.26
CA THR B 246 -3.91 -21.17 -10.07
C THR B 246 -2.56 -21.29 -10.76
N THR B 247 -2.34 -20.46 -11.78
CA THR B 247 -1.29 -20.71 -12.76
C THR B 247 -0.38 -19.49 -12.87
N MET B 248 0.93 -19.74 -12.95
CA MET B 248 1.87 -18.70 -13.35
C MET B 248 2.53 -19.02 -14.68
N LEU B 249 2.15 -20.16 -15.26
CA LEU B 249 2.62 -20.54 -16.57
C LEU B 249 2.79 -19.30 -17.45
N THR B 250 4.01 -19.09 -17.94
CA THR B 250 4.31 -17.99 -18.85
C THR B 250 4.20 -18.43 -20.30
N ARG B 251 3.61 -19.60 -20.55
CA ARG B 251 3.34 -20.03 -21.92
C ARG B 251 2.31 -21.14 -22.07
N ILE B 252 2.02 -21.48 -23.33
CA ILE B 252 1.05 -22.51 -23.68
C ILE B 252 1.64 -23.90 -23.49
N LEU B 253 1.05 -24.67 -22.58
CA LEU B 253 1.55 -26.01 -22.26
C LEU B 253 0.81 -27.08 -23.07
N ARG B 254 1.54 -27.68 -24.01
CA ARG B 254 0.97 -28.69 -24.89
C ARG B 254 1.75 -30.00 -24.80
N PHE B 255 1.06 -31.10 -24.56
CA PHE B 255 1.70 -32.41 -24.52
C PHE B 255 1.89 -33.01 -25.91
N SER B 256 3.01 -32.68 -26.54
CA SER B 256 3.21 -32.92 -27.97
C SER B 256 3.85 -34.28 -28.22
N ALA C 10 -6.76 9.12 8.07
CA ALA C 10 -7.45 10.40 7.71
C ALA C 10 -6.50 11.59 7.61
N ALA C 11 -6.91 12.62 6.88
CA ALA C 11 -6.05 13.77 6.61
C ALA C 11 -6.24 14.88 7.63
N GLU C 12 -7.32 14.78 8.39
CA GLU C 12 -7.89 15.93 9.08
C GLU C 12 -8.38 15.52 10.45
N TYR C 13 -8.10 16.35 11.45
CA TYR C 13 -8.63 16.15 12.79
C TYR C 13 -10.15 16.32 12.75
N ASN C 14 -10.85 15.45 13.46
CA ASN C 14 -12.30 15.58 13.60
C ASN C 14 -12.68 16.76 14.48
N MET C 15 -13.00 17.88 13.84
CA MET C 15 -13.26 19.14 14.54
C MET C 15 -14.75 19.50 14.46
N ARG C 16 -15.60 18.47 14.41
CA ARG C 16 -17.03 18.71 14.34
C ARG C 16 -17.79 18.02 15.47
N HIS C 17 -17.12 17.86 16.61
CA HIS C 17 -17.74 17.31 17.82
C HIS C 17 -18.81 18.24 18.38
N LYS C 18 -19.50 17.78 19.42
CA LYS C 18 -20.50 18.60 20.11
C LYS C 18 -19.86 19.92 20.56
N ASN C 19 -18.79 19.79 21.32
CA ASN C 19 -18.07 20.94 21.88
C ASN C 19 -16.65 21.05 21.34
N ARG C 20 -16.14 22.28 21.26
CA ARG C 20 -14.78 22.52 20.83
C ARG C 20 -13.78 22.15 21.93
N GLY C 21 -14.11 22.49 23.18
CA GLY C 21 -13.35 22.04 24.33
C GLY C 21 -12.75 23.21 25.08
N MET C 22 -12.02 22.93 26.16
CA MET C 22 -11.53 23.98 27.04
C MET C 22 -10.38 24.78 26.44
N ALA C 23 -10.29 26.05 26.81
CA ALA C 23 -9.03 26.78 26.77
C ALA C 23 -8.74 27.41 28.12
N LEU C 24 -7.82 26.81 28.87
CA LEU C 24 -7.36 27.37 30.13
C LEU C 24 -6.25 28.40 29.91
N ILE C 25 -6.59 29.67 30.13
CA ILE C 25 -5.58 30.74 30.11
C ILE C 25 -5.08 31.10 31.51
N PHE C 26 -3.81 30.80 31.77
CA PHE C 26 -3.17 31.15 33.03
C PHE C 26 -2.31 32.39 32.85
N ASN C 27 -2.55 33.41 33.68
CA ASN C 27 -1.54 34.44 33.91
C ASN C 27 -0.64 34.05 35.08
N HIS C 28 0.66 34.00 34.83
CA HIS C 28 1.60 33.51 35.82
C HIS C 28 1.85 34.58 36.89
N ASN C 43 -2.46 40.66 30.43
CA ASN C 43 -3.76 41.21 30.78
C ASN C 43 -4.54 41.63 29.53
N VAL C 44 -3.94 42.49 28.71
CA VAL C 44 -4.52 42.85 27.43
C VAL C 44 -4.46 41.69 26.44
N ASP C 45 -3.24 41.22 26.15
CA ASP C 45 -3.01 39.81 25.82
C ASP C 45 -4.17 38.92 26.27
N CYS C 46 -4.31 38.79 27.59
CA CYS C 46 -5.04 37.68 28.17
C CYS C 46 -6.54 37.88 28.05
N GLU C 47 -6.94 39.09 27.68
CA GLU C 47 -8.33 39.37 27.32
C GLU C 47 -8.51 39.08 25.85
N ASN C 48 -7.49 39.40 25.06
CA ASN C 48 -7.57 39.30 23.61
C ASN C 48 -7.55 37.85 23.13
N LEU C 49 -6.51 37.12 23.51
CA LEU C 49 -6.58 35.67 23.57
C LEU C 49 -7.99 35.21 23.90
N THR C 50 -8.39 35.44 25.16
CA THR C 50 -9.73 35.16 25.64
C THR C 50 -10.81 35.40 24.58
N ARG C 51 -10.99 36.65 24.19
CA ARG C 51 -11.91 37.00 23.11
C ARG C 51 -11.79 36.03 21.94
N VAL C 52 -10.69 36.14 21.20
CA VAL C 52 -10.45 35.34 20.01
C VAL C 52 -10.79 33.86 20.20
N LEU C 53 -10.30 33.29 21.29
CA LEU C 53 -10.60 31.89 21.59
C LEU C 53 -12.09 31.69 21.76
N LYS C 54 -12.76 32.68 22.34
CA LYS C 54 -14.19 32.59 22.60
C LYS C 54 -14.93 32.63 21.27
N GLN C 55 -14.33 33.33 20.31
CA GLN C 55 -14.89 33.44 18.97
C GLN C 55 -14.59 32.20 18.13
N LEU C 56 -13.58 31.44 18.53
CA LEU C 56 -13.37 30.10 17.98
C LEU C 56 -14.14 29.05 18.79
N ASP C 57 -15.03 29.52 19.65
CA ASP C 57 -16.05 28.68 20.27
C ASP C 57 -15.45 27.68 21.26
N PHE C 58 -14.25 27.99 21.74
CA PHE C 58 -13.72 27.38 22.96
C PHE C 58 -14.55 27.82 24.17
N GLU C 59 -14.49 27.03 25.24
CA GLU C 59 -14.95 27.49 26.54
C GLU C 59 -13.80 27.97 27.42
N VAL C 60 -13.60 29.28 27.43
CA VAL C 60 -12.38 29.89 27.94
C VAL C 60 -12.52 30.19 29.43
N THR C 61 -11.72 29.52 30.25
CA THR C 61 -11.60 29.93 31.64
C THR C 61 -10.20 30.44 31.97
N VAL C 62 -10.15 31.62 32.56
CA VAL C 62 -8.92 32.41 32.73
C VAL C 62 -8.51 32.41 34.20
N TYR C 63 -7.29 31.97 34.49
CA TYR C 63 -6.84 31.92 35.86
C TYR C 63 -5.86 33.05 36.19
N LYS C 64 -5.83 33.45 37.46
CA LYS C 64 -5.02 34.58 37.89
C LYS C 64 -4.26 34.26 39.17
N ASP C 65 -3.13 33.58 39.05
CA ASP C 65 -2.32 33.28 40.23
C ASP C 65 -0.80 33.27 39.97
N CYS C 66 -0.04 33.06 41.03
CA CYS C 66 1.38 33.38 41.06
C CYS C 66 2.22 32.10 41.14
N ARG C 67 1.70 31.10 41.84
CA ARG C 67 2.42 29.85 42.01
C ARG C 67 2.31 28.99 40.75
N TYR C 68 3.31 29.13 39.88
CA TYR C 68 3.78 28.03 39.04
C TYR C 68 2.99 26.75 39.28
N LYS C 69 3.06 26.24 40.51
CA LYS C 69 2.52 24.91 40.81
C LYS C 69 1.00 24.85 40.66
N ASP C 70 0.32 25.96 40.97
CA ASP C 70 -1.13 26.03 40.84
C ASP C 70 -1.53 25.87 39.38
N ILE C 71 -0.65 26.32 38.49
CA ILE C 71 -0.85 26.17 37.05
C ILE C 71 -0.78 24.70 36.61
N LEU C 72 0.17 23.95 37.17
CA LEU C 72 0.38 22.56 36.79
C LEU C 72 -0.73 21.65 37.35
N ARG C 73 -1.04 21.83 38.62
CA ARG C 73 -2.19 21.17 39.24
C ARG C 73 -3.46 21.38 38.42
N THR C 74 -3.83 22.64 38.22
CA THR C 74 -5.05 22.97 37.51
C THR C 74 -5.09 22.23 36.18
N ILE C 75 -3.90 21.94 35.65
CA ILE C 75 -3.77 21.28 34.35
C ILE C 75 -3.98 19.77 34.48
N GLU C 76 -3.44 19.19 35.54
CA GLU C 76 -3.54 17.75 35.75
C GLU C 76 -4.99 17.30 35.88
N TYR C 77 -5.82 18.18 36.43
CA TYR C 77 -7.21 17.85 36.71
C TYR C 77 -8.09 17.93 35.46
N SER C 78 -7.80 18.90 34.62
CA SER C 78 -8.48 19.01 33.34
C SER C 78 -8.15 17.80 32.47
N ALA C 79 -6.88 17.45 32.40
CA ALA C 79 -6.49 16.10 31.99
C ALA C 79 -7.41 15.07 32.64
N SER C 80 -7.86 15.36 33.85
CA SER C 80 -8.69 14.45 34.64
C SER C 80 -10.03 14.18 33.98
N GLN C 81 -10.38 15.01 33.00
CA GLN C 81 -11.77 15.16 32.60
C GLN C 81 -12.09 14.37 31.33
N ASN C 82 -13.38 14.11 31.15
CA ASN C 82 -13.88 13.48 29.94
C ASN C 82 -14.12 14.53 28.86
N HIS C 83 -13.35 14.42 27.78
CA HIS C 83 -13.46 15.34 26.64
C HIS C 83 -13.98 14.63 25.40
N SER C 84 -14.42 13.39 25.56
CA SER C 84 -15.08 12.65 24.49
C SER C 84 -15.78 13.55 23.49
N ASP C 85 -16.59 14.48 23.99
CA ASP C 85 -17.44 15.30 23.13
C ASP C 85 -16.75 16.59 22.70
N SER C 86 -15.46 16.71 23.03
CA SER C 86 -14.71 17.92 22.74
C SER C 86 -13.81 17.71 21.53
N ASP C 87 -13.57 18.80 20.80
CA ASP C 87 -12.76 18.76 19.58
C ASP C 87 -11.26 18.72 19.88
N CYS C 88 -10.82 19.50 20.88
CA CYS C 88 -9.43 19.47 21.33
C CYS C 88 -9.28 19.92 22.79
N ILE C 89 -8.07 20.31 23.17
CA ILE C 89 -7.87 21.14 24.35
C ILE C 89 -6.79 22.18 24.12
N LEU C 90 -6.99 23.38 24.67
CA LEU C 90 -5.99 24.43 24.57
C LEU C 90 -5.53 24.89 25.95
N VAL C 91 -4.23 24.83 26.17
CA VAL C 91 -3.59 25.39 27.37
C VAL C 91 -2.67 26.55 26.99
N ALA C 92 -2.72 27.62 27.76
CA ALA C 92 -1.93 28.82 27.48
C ALA C 92 -1.41 29.45 28.77
N ILE C 93 -0.09 29.65 28.84
CA ILE C 93 0.55 30.09 30.07
C ILE C 93 1.39 31.34 29.87
N LEU C 94 0.88 32.46 30.37
CA LEU C 94 1.37 33.78 29.96
C LEU C 94 2.15 34.45 31.09
N SER C 95 3.44 34.67 30.87
CA SER C 95 4.29 35.35 31.84
C SER C 95 4.17 36.87 31.69
N ASN C 113 6.69 16.65 33.78
CA ASN C 113 5.77 15.52 33.74
C ASN C 113 4.39 15.92 33.21
N ILE C 114 4.24 17.21 32.91
CA ILE C 114 2.92 17.80 32.73
C ILE C 114 2.17 17.11 31.59
N TRP C 115 2.92 16.46 30.72
CA TRP C 115 2.37 15.96 29.47
C TRP C 115 1.98 14.49 29.59
N SER C 116 2.56 13.81 30.59
CA SER C 116 2.26 12.40 30.82
C SER C 116 0.79 12.21 31.18
N PHE C 117 0.13 13.30 31.54
CA PHE C 117 -1.31 13.30 31.78
C PHE C 117 -2.09 13.28 30.47
N PHE C 118 -1.54 13.91 29.44
CA PHE C 118 -2.26 14.14 28.20
C PHE C 118 -2.02 13.02 27.19
N THR C 119 -1.10 12.12 27.49
CA THR C 119 -0.75 11.06 26.56
C THR C 119 -1.97 10.18 26.28
N ALA C 120 -1.95 9.49 25.15
CA ALA C 120 -3.15 8.79 24.66
C ALA C 120 -3.63 7.74 25.67
N ASN C 121 -2.68 7.12 26.35
CA ASN C 121 -3.00 6.23 27.46
C ASN C 121 -3.69 6.98 28.58
N HIS C 122 -2.98 7.94 29.17
CA HIS C 122 -3.44 8.62 30.37
C HIS C 122 -4.73 9.40 30.16
N CYS C 123 -4.87 10.00 28.98
CA CYS C 123 -6.07 10.75 28.63
C CYS C 123 -6.62 10.22 27.31
N PRO C 124 -7.36 9.10 27.36
CA PRO C 124 -7.97 8.47 26.19
C PRO C 124 -9.04 9.35 25.54
N SER C 125 -9.74 10.13 26.35
CA SER C 125 -10.84 10.95 25.86
C SER C 125 -10.32 12.08 24.97
N LEU C 126 -9.06 12.45 25.18
CA LEU C 126 -8.22 13.05 24.15
C LEU C 126 -7.07 12.12 23.72
N ALA C 127 -7.39 11.17 22.87
CA ALA C 127 -6.40 10.54 22.01
C ALA C 127 -6.76 10.77 20.55
N GLY C 128 -5.74 10.98 19.71
CA GLY C 128 -5.96 11.38 18.32
C GLY C 128 -6.69 12.71 18.22
N LYS C 129 -6.66 13.48 19.30
CA LYS C 129 -7.11 14.87 19.26
C LYS C 129 -5.97 15.83 19.55
N PRO C 130 -6.07 17.06 19.04
CA PRO C 130 -5.00 18.04 19.19
C PRO C 130 -4.91 18.53 20.64
N LYS C 131 -3.69 18.55 21.18
CA LYS C 131 -3.48 19.15 22.48
C LYS C 131 -2.56 20.36 22.35
N LEU C 132 -3.15 21.55 22.21
CA LEU C 132 -2.42 22.76 21.86
C LEU C 132 -1.87 23.47 23.10
N PHE C 133 -0.65 23.99 22.99
CA PHE C 133 -0.03 24.73 24.09
C PHE C 133 0.61 26.02 23.62
N PHE C 134 0.27 27.12 24.29
CA PHE C 134 0.82 28.42 23.95
C PHE C 134 1.54 29.02 25.15
N ILE C 135 2.87 28.88 25.16
CA ILE C 135 3.70 29.38 26.26
C ILE C 135 4.38 30.69 25.88
N GLN C 136 4.01 31.76 26.57
CA GLN C 136 4.76 33.02 26.50
C GLN C 136 5.62 33.17 27.75
N ALA C 137 6.89 32.80 27.64
CA ALA C 137 7.74 32.63 28.82
C ALA C 137 8.80 33.74 28.90
N CYS C 138 9.65 33.66 29.91
CA CYS C 138 10.60 34.73 30.16
C CYS C 138 11.94 34.39 29.52
N GLN C 139 12.74 35.43 29.26
CA GLN C 139 14.14 35.23 28.87
C GLN C 139 14.93 34.48 29.94
N VAL C 168 7.55 14.17 23.19
CA VAL C 168 7.44 13.53 21.88
C VAL C 168 6.35 12.47 21.83
N HIS C 169 5.14 12.83 22.24
CA HIS C 169 3.97 12.03 21.86
C HIS C 169 3.05 12.73 20.87
N ALA C 170 2.25 11.94 20.15
CA ALA C 170 1.51 12.43 19.00
C ALA C 170 0.52 13.53 19.37
N ASP C 171 0.14 14.32 18.39
CA ASP C 171 -0.99 15.23 18.52
C ASP C 171 -0.77 16.38 19.49
N PHE C 172 0.45 16.51 20.00
CA PHE C 172 0.86 17.73 20.68
C PHE C 172 1.23 18.86 19.72
N LEU C 173 1.15 20.09 20.22
CA LEU C 173 1.68 21.25 19.49
C LEU C 173 2.00 22.36 20.48
N ILE C 174 3.25 22.81 20.49
CA ILE C 174 3.67 23.86 21.42
C ILE C 174 4.17 25.09 20.67
N ALA C 175 3.37 26.15 20.65
CA ALA C 175 3.88 27.47 20.28
C ALA C 175 4.56 28.14 21.47
N TYR C 176 5.71 28.76 21.22
CA TYR C 176 6.57 29.25 22.29
C TYR C 176 7.19 30.61 21.94
N SER C 177 7.16 31.52 22.89
CA SER C 177 7.75 32.85 22.70
C SER C 177 8.24 33.43 24.02
N THR C 178 9.45 33.98 24.00
CA THR C 178 10.01 34.65 25.18
C THR C 178 9.47 36.07 25.29
N VAL C 179 9.12 36.46 26.50
CA VAL C 179 8.90 37.87 26.82
C VAL C 179 10.12 38.45 27.53
N PRO C 180 10.58 39.63 27.07
CA PRO C 180 11.77 40.26 27.65
C PRO C 180 11.66 40.38 29.15
N SER C 192 2.89 42.29 23.76
CA SER C 192 3.79 41.41 23.02
C SER C 192 3.30 41.18 21.58
N TRP C 193 4.25 41.10 20.66
CA TRP C 193 3.93 40.95 19.25
C TRP C 193 3.39 39.55 18.97
N PHE C 194 4.02 38.55 19.59
CA PHE C 194 3.48 37.19 19.57
C PHE C 194 1.98 37.24 19.79
N MET C 195 1.60 37.61 21.01
CA MET C 195 0.20 37.49 21.43
C MET C 195 -0.71 38.30 20.51
N GLN C 196 -0.27 39.51 20.17
CA GLN C 196 -1.07 40.41 19.34
C GLN C 196 -1.31 39.82 17.97
N SER C 197 -0.22 39.38 17.33
CA SER C 197 -0.27 38.85 15.97
C SER C 197 -0.91 37.45 15.95
N LEU C 198 -0.90 36.80 17.11
CA LEU C 198 -1.55 35.50 17.25
C LEU C 198 -3.07 35.64 17.31
N CYS C 199 -3.53 36.73 17.93
CA CYS C 199 -4.95 36.98 18.05
C CYS C 199 -5.53 37.46 16.72
N ALA C 200 -4.97 38.54 16.19
CA ALA C 200 -5.24 38.93 14.81
C ALA C 200 -5.47 37.70 13.93
N GLU C 201 -4.50 36.80 13.92
CA GLU C 201 -4.46 35.73 12.94
C GLU C 201 -5.61 34.75 13.15
N LEU C 202 -5.60 34.11 14.32
CA LEU C 202 -6.79 33.41 14.81
C LEU C 202 -8.07 34.16 14.46
N ALA C 203 -8.09 35.46 14.75
CA ALA C 203 -9.33 36.22 14.77
C ALA C 203 -9.83 36.59 13.38
N ALA C 204 -8.95 36.53 12.39
CA ALA C 204 -9.28 36.96 11.04
C ALA C 204 -9.22 35.77 10.09
N ASN C 205 -8.28 34.88 10.37
CA ASN C 205 -8.08 33.70 9.54
C ASN C 205 -8.39 32.42 10.31
N GLY C 206 -8.47 32.53 11.63
CA GLY C 206 -8.70 31.37 12.48
C GLY C 206 -9.52 30.26 11.85
N LYS C 207 -10.47 30.62 11.00
CA LYS C 207 -11.45 29.68 10.48
C LYS C 207 -11.16 29.31 9.04
N ARG C 208 -10.34 30.13 8.38
CA ARG C 208 -10.05 29.96 6.96
C ARG C 208 -8.88 28.98 6.73
N LEU C 209 -7.93 28.97 7.66
CA LEU C 209 -6.63 28.36 7.43
C LEU C 209 -6.37 27.18 8.38
N ASP C 210 -5.43 26.33 8.00
CA ASP C 210 -5.00 25.25 8.88
C ASP C 210 -3.97 25.73 9.91
N ILE C 211 -3.95 25.10 11.07
CA ILE C 211 -3.39 25.72 12.26
C ILE C 211 -1.90 26.03 12.11
N LEU C 212 -1.24 25.30 11.21
CA LEU C 212 0.19 25.45 11.05
C LEU C 212 0.51 26.68 10.19
N THR C 213 -0.18 26.81 9.08
CA THR C 213 -0.10 28.02 8.27
C THR C 213 -0.35 29.24 9.15
N LEU C 214 -1.58 29.36 9.66
CA LEU C 214 -1.91 30.33 10.69
C LEU C 214 -0.70 30.73 11.55
N LEU C 215 -0.05 29.74 12.16
CA LEU C 215 1.04 30.03 13.10
C LEU C 215 2.31 30.46 12.38
N THR C 216 2.51 29.92 11.17
CA THR C 216 3.54 30.41 10.27
C THR C 216 3.35 31.89 9.97
N PHE C 217 2.09 32.29 9.75
CA PHE C 217 1.80 33.65 9.38
C PHE C 217 1.89 34.57 10.60
N VAL C 218 1.73 33.98 11.78
CA VAL C 218 2.00 34.68 13.02
C VAL C 218 3.50 34.94 13.11
N CYS C 219 4.28 33.90 12.83
CA CYS C 219 5.74 33.98 12.81
C CYS C 219 6.22 35.03 11.83
N GLN C 220 5.66 35.02 10.62
CA GLN C 220 5.91 36.08 9.65
C GLN C 220 5.68 37.47 10.24
N ARG C 221 4.58 37.61 10.97
CA ARG C 221 4.01 38.92 11.31
C ARG C 221 4.93 39.65 12.26
N VAL C 222 5.39 38.97 13.30
CA VAL C 222 6.27 39.58 14.29
C VAL C 222 7.64 39.84 13.68
N ALA C 223 8.05 38.94 12.79
CA ALA C 223 9.38 39.01 12.18
C ALA C 223 9.47 40.20 11.24
N VAL C 224 8.43 40.39 10.45
CA VAL C 224 8.28 41.60 9.64
C VAL C 224 7.76 42.76 10.49
N ASP C 225 8.08 42.73 11.77
CA ASP C 225 7.71 43.81 12.70
C ASP C 225 8.63 43.86 13.92
N GLN C 241 13.58 36.49 18.86
CA GLN C 241 12.41 36.35 19.72
C GLN C 241 11.15 36.11 18.90
N ILE C 242 11.35 35.74 17.63
CA ILE C 242 10.31 35.11 16.82
C ILE C 242 9.67 33.93 17.55
N PRO C 243 8.35 33.78 17.44
CA PRO C 243 7.64 32.61 17.93
C PRO C 243 8.28 31.31 17.45
N CYS C 244 8.25 30.30 18.30
CA CYS C 244 8.81 29.01 17.95
C CYS C 244 7.75 27.92 18.10
N ILE C 245 7.43 27.27 16.98
CA ILE C 245 6.27 26.37 16.94
C ILE C 245 6.71 24.93 16.72
N THR C 246 6.51 24.08 17.73
CA THR C 246 7.01 22.70 17.66
C THR C 246 5.89 21.65 17.68
N THR C 247 5.69 21.00 16.55
CA THR C 247 4.44 20.29 16.31
C THR C 247 4.67 18.80 16.05
N MET C 248 3.83 17.96 16.65
CA MET C 248 3.64 16.60 16.16
C MET C 248 2.17 16.27 15.98
N LEU C 249 1.38 17.27 15.59
CA LEU C 249 0.11 17.01 14.94
C LEU C 249 0.32 15.88 13.93
N THR C 250 -0.53 14.86 14.01
CA THR C 250 -0.57 13.86 12.94
C THR C 250 -1.56 14.21 11.84
N ARG C 251 -2.28 15.32 12.01
CA ARG C 251 -3.33 15.72 11.06
C ARG C 251 -3.45 17.23 10.87
N ILE C 252 -4.28 17.64 9.93
CA ILE C 252 -4.54 19.05 9.66
C ILE C 252 -5.59 19.60 10.61
N LEU C 253 -5.17 20.55 11.45
CA LEU C 253 -6.08 21.26 12.36
C LEU C 253 -6.74 22.42 11.65
N ARG C 254 -8.05 22.33 11.42
CA ARG C 254 -8.85 23.49 11.07
C ARG C 254 -10.03 23.70 12.02
N PHE C 255 -10.34 24.96 12.32
CA PHE C 255 -11.42 25.27 13.25
C PHE C 255 -12.74 25.44 12.49
N SER C 256 -13.23 24.34 11.94
CA SER C 256 -14.38 24.40 11.03
C SER C 256 -15.69 24.58 11.80
N ALA D 10 4.08 38.72 1.53
CA ALA D 10 4.02 37.58 0.58
C ALA D 10 3.89 36.26 1.34
N ALA D 11 3.08 35.36 0.81
CA ALA D 11 2.46 34.31 1.63
C ALA D 11 3.24 32.99 1.57
N GLU D 12 4.31 32.98 0.78
CA GLU D 12 4.78 31.76 0.15
C GLU D 12 6.24 31.92 -0.26
N TYR D 13 7.07 30.96 0.08
CA TYR D 13 8.49 31.05 -0.24
C TYR D 13 8.72 31.10 -1.75
N ASN D 14 9.59 32.01 -2.18
CA ASN D 14 9.99 32.06 -3.59
C ASN D 14 10.90 30.88 -3.93
N MET D 15 10.34 29.89 -4.63
CA MET D 15 10.97 28.59 -4.80
C MET D 15 11.14 28.28 -6.29
N ARG D 16 11.39 29.33 -7.07
CA ARG D 16 11.73 29.17 -8.48
C ARG D 16 12.99 29.96 -8.82
N HIS D 17 13.80 30.27 -7.81
CA HIS D 17 15.19 30.62 -8.01
C HIS D 17 15.80 29.73 -9.09
N LYS D 18 16.95 30.13 -9.62
CA LYS D 18 17.63 29.37 -10.66
C LYS D 18 17.83 27.93 -10.19
N ASN D 19 18.37 27.79 -8.98
CA ASN D 19 18.66 26.49 -8.39
C ASN D 19 17.90 26.27 -7.09
N ARG D 20 17.60 25.01 -6.78
CA ARG D 20 16.92 24.65 -5.54
C ARG D 20 17.81 24.81 -4.31
N GLY D 21 19.12 24.63 -4.49
CA GLY D 21 20.07 24.72 -3.39
C GLY D 21 20.67 23.38 -3.03
N MET D 22 21.46 23.36 -1.94
CA MET D 22 22.29 22.21 -1.63
C MET D 22 21.60 21.28 -0.63
N ALA D 23 22.01 20.02 -0.65
CA ALA D 23 21.55 19.04 0.34
C ALA D 23 22.73 18.28 0.93
N LEU D 24 23.28 18.80 2.01
CA LEU D 24 24.37 18.11 2.70
C LEU D 24 23.86 16.98 3.60
N ILE D 25 24.05 15.74 3.15
CA ILE D 25 23.73 14.58 3.97
C ILE D 25 24.96 14.05 4.70
N PHE D 26 24.90 14.08 6.02
CA PHE D 26 25.98 13.52 6.85
C PHE D 26 25.53 12.21 7.49
N ASN D 27 26.32 11.16 7.28
CA ASN D 27 26.30 9.99 8.15
C ASN D 27 27.30 10.12 9.32
N HIS D 28 26.81 9.87 10.53
CA HIS D 28 27.60 9.95 11.74
C HIS D 28 27.63 8.59 12.42
N ASN D 43 22.50 4.14 5.83
CA ASN D 43 23.00 3.81 4.51
C ASN D 43 21.88 3.61 3.49
N VAL D 44 20.90 2.79 3.84
CA VAL D 44 19.65 2.73 3.12
C VAL D 44 18.81 3.99 3.33
N ASP D 45 18.83 4.51 4.56
CA ASP D 45 18.31 5.84 4.84
C ASP D 45 18.99 6.85 3.92
N CYS D 46 20.28 6.65 3.71
CA CYS D 46 21.10 7.64 3.03
C CYS D 46 20.83 7.68 1.53
N GLU D 47 20.28 6.61 1.00
CA GLU D 47 20.12 6.48 -0.43
C GLU D 47 18.74 6.94 -0.90
N ASN D 48 17.71 6.58 -0.14
CA ASN D 48 16.40 7.23 -0.26
C ASN D 48 16.50 8.75 -0.17
N LEU D 49 16.95 9.22 0.98
CA LEU D 49 16.99 10.65 1.19
C LEU D 49 17.75 11.30 0.04
N THR D 50 18.77 10.62 -0.44
CA THR D 50 19.47 11.05 -1.64
C THR D 50 18.59 10.93 -2.88
N ARG D 51 18.00 9.75 -3.09
CA ARG D 51 17.02 9.57 -4.16
C ARG D 51 16.04 10.73 -4.18
N VAL D 52 15.33 10.88 -3.07
CA VAL D 52 14.28 11.89 -2.92
C VAL D 52 14.75 13.28 -3.36
N LEU D 53 15.79 13.78 -2.70
CA LEU D 53 16.16 15.18 -2.83
C LEU D 53 16.72 15.48 -4.21
N LYS D 54 17.31 14.47 -4.84
CA LYS D 54 17.67 14.56 -6.25
C LYS D 54 16.46 14.80 -7.15
N GLN D 55 15.36 14.09 -6.86
CA GLN D 55 14.12 14.26 -7.63
C GLN D 55 13.52 15.63 -7.41
N LEU D 56 13.82 16.22 -6.24
CA LEU D 56 13.30 17.52 -5.89
C LEU D 56 14.20 18.65 -6.40
N ASP D 57 15.12 18.28 -7.29
CA ASP D 57 15.95 19.25 -8.01
C ASP D 57 17.04 19.85 -7.14
N PHE D 58 17.19 19.30 -5.94
CA PHE D 58 18.32 19.60 -5.08
C PHE D 58 19.62 19.05 -5.70
N GLU D 59 20.72 19.73 -5.43
CA GLU D 59 22.03 19.13 -5.65
C GLU D 59 22.62 18.52 -4.37
N VAL D 60 22.80 17.20 -4.41
CA VAL D 60 23.04 16.42 -3.21
C VAL D 60 24.51 16.02 -3.20
N THR D 61 25.17 16.26 -2.06
CA THR D 61 26.47 15.66 -1.81
C THR D 61 26.42 14.87 -0.51
N VAL D 62 27.03 13.69 -0.52
CA VAL D 62 26.89 12.74 0.56
C VAL D 62 28.19 12.61 1.35
N TYR D 63 28.20 13.14 2.57
CA TYR D 63 29.39 13.06 3.42
C TYR D 63 29.34 11.83 4.33
N LYS D 64 30.45 11.09 4.40
CA LYS D 64 30.45 9.78 5.04
C LYS D 64 31.46 9.69 6.18
N ASP D 65 30.96 9.36 7.37
CA ASP D 65 31.77 9.46 8.60
C ASP D 65 31.28 10.58 9.53
N LYS D 69 32.43 16.93 14.53
CA LYS D 69 33.15 18.19 14.34
C LYS D 69 33.44 18.45 12.86
N ASP D 70 33.72 17.38 12.12
CA ASP D 70 33.79 17.48 10.66
C ASP D 70 32.49 18.08 10.13
N ILE D 71 31.39 17.76 10.79
CA ILE D 71 30.07 18.18 10.32
C ILE D 71 29.91 19.68 10.50
N LEU D 72 30.04 20.13 11.74
CA LEU D 72 30.03 21.56 12.04
C LEU D 72 30.89 22.32 11.03
N ARG D 73 32.11 21.85 10.82
CA ARG D 73 33.03 22.55 9.94
C ARG D 73 32.60 22.51 8.48
N THR D 74 32.30 21.32 7.97
CA THR D 74 31.71 21.21 6.64
C THR D 74 30.53 22.18 6.49
N ILE D 75 29.64 22.16 7.47
CA ILE D 75 28.53 23.11 7.49
C ILE D 75 29.01 24.56 7.44
N GLU D 76 30.14 24.82 8.09
CA GLU D 76 30.63 26.19 8.19
C GLU D 76 31.04 26.74 6.83
N TYR D 77 31.83 25.97 6.08
CA TYR D 77 32.36 26.44 4.81
C TYR D 77 31.27 26.55 3.74
N SER D 78 30.16 25.87 3.96
CA SER D 78 29.04 25.86 3.03
C SER D 78 28.07 27.00 3.29
N ALA D 79 27.97 27.40 4.56
CA ALA D 79 27.26 28.61 4.94
C ALA D 79 27.92 29.86 4.36
N SER D 80 29.23 29.84 4.23
CA SER D 80 30.00 30.99 3.74
C SER D 80 29.77 31.21 2.25
N GLN D 81 29.14 30.23 1.61
CA GLN D 81 28.99 30.26 0.16
C GLN D 81 27.95 31.27 -0.28
N ASN D 82 28.09 31.77 -1.51
CA ASN D 82 27.03 32.55 -2.13
C ASN D 82 25.83 31.68 -2.46
N HIS D 83 24.69 32.00 -1.87
CA HIS D 83 23.45 31.27 -2.14
C HIS D 83 22.39 32.19 -2.73
N SER D 84 22.83 33.33 -3.26
CA SER D 84 21.94 34.29 -3.90
C SER D 84 21.02 33.66 -4.96
N ASP D 85 21.40 32.50 -5.47
CA ASP D 85 20.68 31.88 -6.58
C ASP D 85 19.90 30.62 -6.19
N SER D 86 20.01 30.20 -4.93
CA SER D 86 19.35 29.00 -4.44
C SER D 86 17.98 29.33 -3.85
N ASP D 87 17.03 28.40 -4.01
CA ASP D 87 15.72 28.55 -3.39
C ASP D 87 15.84 28.48 -1.87
N CYS D 88 16.75 27.61 -1.42
CA CYS D 88 16.75 27.13 -0.05
C CYS D 88 18.10 26.44 0.19
N ILE D 89 18.35 26.04 1.43
CA ILE D 89 19.36 25.02 1.70
C ILE D 89 18.74 23.91 2.53
N LEU D 90 19.35 22.73 2.54
CA LEU D 90 18.89 21.63 3.36
C LEU D 90 20.08 20.91 3.94
N VAL D 91 19.90 20.41 5.16
CA VAL D 91 20.98 19.75 5.89
C VAL D 91 20.44 18.57 6.69
N ALA D 92 20.97 17.38 6.43
CA ALA D 92 20.48 16.16 7.07
C ALA D 92 21.57 15.40 7.80
N ILE D 93 21.35 15.13 9.07
CA ILE D 93 22.29 14.37 9.88
C ILE D 93 21.66 13.06 10.32
N LEU D 94 22.32 11.95 10.00
CA LEU D 94 21.79 10.63 10.34
C LEU D 94 22.72 9.87 11.26
N SER D 95 22.15 9.15 12.21
CA SER D 95 22.92 8.29 13.11
C SER D 95 22.36 6.87 13.15
N ILE D 114 26.55 26.47 15.22
CA ILE D 114 25.93 25.60 14.23
C ILE D 114 24.80 26.29 13.48
N TRP D 115 24.05 27.12 14.21
CA TRP D 115 22.94 27.86 13.63
C TRP D 115 23.31 29.33 13.42
N SER D 116 24.29 29.82 14.18
CA SER D 116 24.81 31.15 13.98
C SER D 116 25.33 31.33 12.56
N PHE D 117 25.67 30.22 11.92
CA PHE D 117 26.20 30.23 10.56
C PHE D 117 25.14 30.64 9.54
N PHE D 118 23.87 30.50 9.91
CA PHE D 118 22.78 30.62 8.95
C PHE D 118 21.82 31.80 9.19
N THR D 119 21.98 32.48 10.32
CA THR D 119 21.12 33.63 10.63
C THR D 119 21.23 34.70 9.55
N ALA D 120 20.26 35.60 9.49
CA ALA D 120 20.21 36.58 8.42
C ALA D 120 21.54 37.34 8.34
N ASN D 121 22.26 37.41 9.46
CA ASN D 121 23.44 38.25 9.58
C ASN D 121 24.74 37.62 9.09
N HIS D 122 24.98 36.36 9.46
CA HIS D 122 26.17 35.64 9.01
C HIS D 122 26.05 35.07 7.59
N CYS D 123 24.85 35.07 7.05
CA CYS D 123 24.57 34.33 5.82
C CYS D 123 23.32 34.85 5.14
N PRO D 124 23.38 36.09 4.63
CA PRO D 124 22.22 36.81 4.10
C PRO D 124 21.89 36.36 2.68
N SER D 125 22.87 35.81 1.97
CA SER D 125 22.58 35.13 0.72
C SER D 125 21.47 34.09 0.92
N LEU D 126 21.36 33.57 2.14
CA LEU D 126 20.08 33.07 2.65
C LEU D 126 19.61 33.89 3.83
N ALA D 127 18.80 34.90 3.55
CA ALA D 127 17.95 35.49 4.58
C ALA D 127 16.55 35.65 4.01
N GLY D 128 15.55 35.44 4.86
CA GLY D 128 14.18 35.26 4.39
C GLY D 128 14.02 34.11 3.42
N LYS D 129 15.01 33.22 3.37
CA LYS D 129 14.87 31.90 2.74
C LYS D 129 14.85 30.77 3.75
N PRO D 130 14.25 29.63 3.38
CA PRO D 130 14.20 28.44 4.22
C PRO D 130 15.56 27.77 4.39
N LYS D 131 15.90 27.47 5.65
CA LYS D 131 16.97 26.53 5.95
C LYS D 131 16.45 25.31 6.70
N LEU D 132 16.43 24.15 6.04
CA LEU D 132 15.74 22.97 6.54
C LEU D 132 16.70 21.96 7.16
N PHE D 133 16.35 21.45 8.33
CA PHE D 133 17.22 20.54 9.06
C PHE D 133 16.54 19.20 9.34
N PHE D 134 17.25 18.11 9.06
CA PHE D 134 16.73 16.78 9.35
C PHE D 134 17.72 15.97 10.17
N ILE D 135 17.33 15.65 11.39
CA ILE D 135 18.25 15.03 12.34
C ILE D 135 17.68 13.74 12.90
N GLN D 136 18.32 12.63 12.55
CA GLN D 136 17.94 11.33 13.09
C GLN D 136 19.06 10.85 14.02
N ALA D 137 18.70 10.57 15.27
CA ALA D 137 19.53 10.96 16.40
C ALA D 137 19.57 9.86 17.46
N ALA D 170 14.55 32.33 12.61
CA ALA D 170 13.56 32.74 11.63
C ALA D 170 13.83 32.05 10.30
N ASP D 171 12.82 31.37 9.76
CA ASP D 171 12.96 30.63 8.51
C ASP D 171 13.76 29.34 8.67
N PHE D 172 14.10 28.98 9.89
CA PHE D 172 14.57 27.64 10.19
C PHE D 172 13.39 26.66 10.22
N LEU D 173 13.67 25.39 9.92
CA LEU D 173 12.79 24.30 10.33
C LEU D 173 13.60 23.05 10.63
N ILE D 174 13.39 22.50 11.82
CA ILE D 174 14.09 21.29 12.25
C ILE D 174 13.08 20.15 12.40
N ALA D 175 13.17 19.16 11.52
CA ALA D 175 12.58 17.84 11.77
C ALA D 175 13.57 16.92 12.47
N TYR D 176 13.10 16.26 13.52
CA TYR D 176 13.98 15.57 14.47
C TYR D 176 13.27 14.33 15.00
N SER D 177 13.89 13.17 14.81
CA SER D 177 13.40 11.95 15.43
C SER D 177 14.56 11.25 16.11
N THR D 178 14.25 10.34 17.04
CA THR D 178 15.30 9.52 17.64
C THR D 178 15.11 8.03 17.39
N VAL D 179 16.20 7.39 16.96
CA VAL D 179 16.17 6.00 16.53
C VAL D 179 16.71 5.11 17.65
N PRO D 180 16.01 4.01 17.93
CA PRO D 180 16.36 3.01 18.93
C PRO D 180 17.86 2.83 19.14
N GLY D 181 18.29 2.80 20.39
CA GLY D 181 19.70 2.58 20.72
C GLY D 181 20.34 1.49 19.90
N PHE D 182 20.63 0.36 20.55
CA PHE D 182 20.28 -0.94 19.97
C PHE D 182 18.80 -1.20 20.20
N TYR D 183 18.02 -1.31 19.13
CA TYR D 183 18.20 -2.37 18.15
C TYR D 183 18.68 -1.87 16.79
N SER D 184 18.20 -0.70 16.39
CA SER D 184 18.28 -0.26 15.01
C SER D 184 19.73 -0.10 14.57
N TRP D 185 20.03 -0.60 13.37
CA TRP D 185 21.41 -0.67 12.88
C TRP D 185 21.42 -1.05 11.41
N ARG D 186 22.09 -2.16 11.10
CA ARG D 186 21.84 -2.89 9.85
C ARG D 186 20.33 -3.11 9.68
N ASN D 187 19.56 -2.06 9.95
CA ASN D 187 18.17 -1.99 9.53
C ASN D 187 17.84 -2.93 8.37
N THR D 188 17.16 -4.03 8.69
CA THR D 188 16.40 -4.79 7.70
C THR D 188 16.13 -3.93 6.46
N THR D 189 15.87 -4.58 5.34
CA THR D 189 16.12 -3.96 4.04
C THR D 189 15.35 -2.64 3.86
N ARG D 190 15.28 -1.87 4.94
CA ARG D 190 14.62 -0.57 4.90
C ARG D 190 15.30 0.47 5.80
N GLY D 191 14.79 1.69 5.75
CA GLY D 191 15.32 2.78 6.56
C GLY D 191 14.89 2.65 8.01
N SER D 192 14.89 3.78 8.71
CA SER D 192 14.11 3.90 9.94
C SER D 192 12.71 4.40 9.61
N TRP D 193 11.73 4.02 10.44
CA TRP D 193 10.35 4.48 10.28
C TRP D 193 10.31 5.90 9.72
N PHE D 194 11.11 6.79 10.31
CA PHE D 194 11.02 8.22 10.02
C PHE D 194 11.42 8.48 8.56
N MET D 195 12.61 8.03 8.19
CA MET D 195 13.13 8.26 6.84
C MET D 195 12.23 7.60 5.79
N GLN D 196 11.83 6.36 6.05
CA GLN D 196 10.87 5.67 5.20
C GLN D 196 9.70 6.57 4.84
N SER D 197 9.04 7.11 5.86
CA SER D 197 7.86 7.94 5.67
C SER D 197 8.19 9.35 5.15
N LEU D 198 9.29 9.94 5.62
CA LEU D 198 9.72 11.21 5.05
C LEU D 198 9.91 11.07 3.55
N CYS D 199 10.61 10.01 3.14
CA CYS D 199 10.86 9.76 1.73
C CYS D 199 9.60 9.42 0.93
N ALA D 200 8.88 8.38 1.33
CA ALA D 200 7.60 8.08 0.69
C ALA D 200 6.83 9.37 0.48
N GLU D 201 6.72 10.17 1.55
CA GLU D 201 5.99 11.43 1.47
C GLU D 201 6.66 12.40 0.50
N LEU D 202 7.97 12.56 0.64
CA LEU D 202 8.70 13.44 -0.25
C LEU D 202 8.59 12.93 -1.69
N ALA D 203 8.62 11.62 -1.85
CA ALA D 203 8.71 11.01 -3.16
C ALA D 203 7.35 10.66 -3.76
N ALA D 204 6.28 11.26 -3.23
CA ALA D 204 4.95 11.10 -3.80
C ALA D 204 4.22 12.42 -3.79
N ASN D 205 4.47 13.22 -2.76
CA ASN D 205 3.74 14.45 -2.54
C ASN D 205 4.65 15.67 -2.38
N GLY D 206 5.96 15.43 -2.45
CA GLY D 206 6.93 16.51 -2.32
C GLY D 206 6.57 17.76 -3.09
N LYS D 207 5.83 17.59 -4.19
CA LYS D 207 5.51 18.68 -5.09
C LYS D 207 4.05 19.10 -4.98
N ARG D 208 3.23 18.27 -4.34
CA ARG D 208 1.81 18.55 -4.22
C ARG D 208 1.53 19.38 -2.97
N LEU D 209 2.26 19.09 -1.90
CA LEU D 209 1.88 19.58 -0.58
C LEU D 209 2.88 20.60 -0.04
N ASP D 210 2.42 21.37 0.94
CA ASP D 210 3.26 22.33 1.64
C ASP D 210 4.06 21.65 2.74
N ILE D 211 5.33 22.03 2.88
CA ILE D 211 6.26 21.24 3.67
C ILE D 211 5.60 20.81 4.98
N LEU D 212 4.76 21.68 5.51
CA LEU D 212 4.33 21.59 6.90
C LEU D 212 3.21 20.58 7.08
N THR D 213 2.40 20.41 6.03
CA THR D 213 1.43 19.33 6.02
C THR D 213 2.08 18.04 5.55
N LEU D 214 3.06 18.17 4.65
CA LEU D 214 3.94 17.05 4.35
C LEU D 214 4.50 16.41 5.62
N LEU D 215 5.27 17.17 6.37
CA LEU D 215 5.84 16.66 7.61
C LEU D 215 4.77 16.21 8.61
N THR D 216 3.62 16.86 8.60
CA THR D 216 2.52 16.37 9.42
C THR D 216 2.25 14.92 9.07
N PHE D 217 1.99 14.66 7.78
CA PHE D 217 1.62 13.34 7.31
C PHE D 217 2.73 12.31 7.52
N VAL D 218 3.97 12.79 7.61
CA VAL D 218 5.07 11.93 8.04
C VAL D 218 4.90 11.50 9.49
N CYS D 219 4.50 12.45 10.35
CA CYS D 219 4.26 12.14 11.75
C CYS D 219 3.14 11.12 11.87
N GLN D 220 2.07 11.35 11.10
CA GLN D 220 0.93 10.44 11.10
C GLN D 220 1.32 9.00 10.81
N ARG D 221 2.24 8.80 9.87
CA ARG D 221 2.49 7.47 9.33
C ARG D 221 3.41 6.62 10.21
N VAL D 222 4.48 7.23 10.71
CA VAL D 222 5.37 6.54 11.64
C VAL D 222 4.68 6.31 12.97
N ALA D 223 3.72 7.17 13.28
CA ALA D 223 2.97 7.07 14.53
C ALA D 223 1.94 5.95 14.42
N VAL D 224 1.30 5.88 13.25
CA VAL D 224 0.13 5.04 13.08
C VAL D 224 0.48 3.76 12.32
N ASP D 225 1.67 3.23 12.58
CA ASP D 225 2.28 2.29 11.65
C ASP D 225 3.47 1.54 12.25
N PHE D 226 3.70 0.33 11.73
CA PHE D 226 5.05 -0.23 11.67
C PHE D 226 5.24 -1.31 12.74
N GLN D 241 9.33 8.35 19.48
CA GLN D 241 10.01 8.15 18.20
C GLN D 241 9.28 8.78 17.01
N ILE D 242 8.12 9.37 17.25
CA ILE D 242 7.54 10.30 16.29
C ILE D 242 8.46 11.50 16.05
N PRO D 243 8.60 11.91 14.78
CA PRO D 243 9.32 13.15 14.50
C PRO D 243 8.79 14.30 15.37
N CYS D 244 9.69 15.07 15.96
CA CYS D 244 9.32 16.32 16.61
C CYS D 244 9.65 17.51 15.73
N ILE D 245 8.64 18.03 15.05
CA ILE D 245 8.84 19.08 14.06
C ILE D 245 8.73 20.44 14.72
N THR D 246 9.73 21.30 14.50
CA THR D 246 9.71 22.62 15.11
C THR D 246 10.05 23.68 14.06
N THR D 247 9.04 24.47 13.69
CA THR D 247 9.16 25.39 12.58
C THR D 247 9.10 26.84 13.04
N MET D 248 9.94 27.69 12.45
CA MET D 248 9.71 29.14 12.45
C MET D 248 9.89 29.70 11.04
N LEU D 249 9.59 28.85 10.06
CA LEU D 249 9.20 29.33 8.76
C LEU D 249 8.32 30.59 8.91
N THR D 250 8.49 31.55 8.01
CA THR D 250 7.69 32.77 8.03
C THR D 250 6.71 32.73 6.86
N ARG D 251 6.74 31.65 6.09
CA ARG D 251 6.01 31.59 4.84
C ARG D 251 5.68 30.14 4.48
N ILE D 252 4.78 29.96 3.51
CA ILE D 252 4.46 28.63 3.02
C ILE D 252 5.53 28.12 2.06
N LEU D 253 5.92 26.86 2.25
CA LEU D 253 6.98 26.25 1.46
C LEU D 253 6.42 25.13 0.58
N ARG D 254 6.42 25.37 -0.72
CA ARG D 254 6.09 24.30 -1.68
C ARG D 254 7.15 24.20 -2.78
N PHE D 255 7.62 22.98 -3.03
CA PHE D 255 8.53 22.73 -4.13
C PHE D 255 7.77 22.67 -5.45
N SER D 256 7.32 23.83 -5.91
CA SER D 256 7.06 24.07 -7.32
C SER D 256 8.18 23.47 -8.19
N ASP D 257 7.80 22.89 -9.32
CA ASP D 257 8.80 22.46 -10.31
C ASP D 257 9.58 23.68 -10.81
N LYS D 258 9.92 23.67 -12.09
CA LYS D 258 10.78 24.72 -12.64
C LYS D 258 10.59 24.94 -14.14
N GLN D 259 11.30 25.94 -14.67
CA GLN D 259 11.06 26.41 -16.04
C GLN D 259 12.29 27.08 -16.63
#